data_5T70
#
_entry.id   5T70
#
_cell.length_a   51.726
_cell.length_b   61.209
_cell.length_c   65.186
_cell.angle_alpha   96.04
_cell.angle_beta   97.46
_cell.angle_gamma   108.72
#
_symmetry.space_group_name_H-M   'P 1'
#
loop_
_entity.id
_entity.type
_entity.pdbx_description
1 polymer 'HLA class I histocompatibility antigen, B-57 alpha chain'
2 polymer Beta-2-microglobulin
3 polymer 'Killer cell immunoglobulin-like receptor 3DL1'
4 polymer 'Decapeptide: THR-SER-ASN-LEU-GLN-GLU-GLN-ILE-GLY-TRP'
5 non-polymer 2-acetamido-2-deoxy-beta-D-glucopyranose
6 water water
#
loop_
_entity_poly.entity_id
_entity_poly.type
_entity_poly.pdbx_seq_one_letter_code
_entity_poly.pdbx_strand_id
1 'polypeptide(L)'
;GSHSMRYFYTAMSRPGRGEPRFIAVGYVDDTQFVRFDSDAASPRMAPRAPWIEQEGPEYWDGETRNMKASAQTYRENLRI
ALRYYNQSEAGSHIIQVMYGCDVGPDGRLLRGHDQSAYDGKDYIALNEDLSSWTAADTAAQITQRKWEAARVAEQLRAYL
EGLCVEWLRRYLENGKETLQRADPPKTHVTHHPISDHEATLRCWALGFYPAEITLTWQRDGEDQTQDTELVETRPAGDRT
FQKWAAVVVPSGEEQRYTCHVQHEGLPKPLTLRWEP
;
A
2 'polypeptide(L)'
;IQRTPKIQVYSRHPAENGKSNFLNCYVSGFHPSDIEVDLLKNGERIEKVEHSDLSFSKDWSFYLLYYTEFTPTEKDEYAC
RVNHVTLSQPKIVKWDRDM
;
B
3 'polypeptide(L)'
;HMGGQDKPFLSAWPSAVVPRGGHVTLRCHYRHRFNNFMLYKEDRIHIPIFHGRIFQESFNMSPVTTAHAGNYTCRGSHPH
SPTGWSAPSNPVVIMVTGNHRKPSLLAHPGPLVKSGERVILQCWSDIMFEHFFLHKEGISKDPSRLVGQIHDGVSKANFS
IGPMMLALAGTYRCYGSVTHTPYQLSAPSDPLDIVVTGPYEKPSLSAQPGPKVQAGESVTLSCSSRSSYDMYHLSREGGA
HERRLPAVRKVNRTFQADFPLGPATHGGTYRCFGSFRHSPYEWSDPSDPLLVSVTGNPS
;
G
4 'polypeptide(L)' TSNLQEQIGW C
#
# COMPACT_ATOMS: atom_id res chain seq x y z
N GLY A 1 -11.98 31.26 5.47
CA GLY A 1 -10.91 30.56 6.15
C GLY A 1 -10.04 29.68 5.30
N SER A 2 -9.10 29.00 5.96
CA SER A 2 -8.14 28.07 5.40
C SER A 2 -8.65 26.62 5.19
N HIS A 3 -8.18 25.99 4.12
CA HIS A 3 -8.59 24.65 3.77
C HIS A 3 -7.49 23.75 3.33
N SER A 4 -7.73 22.44 3.33
CA SER A 4 -6.72 21.45 2.95
C SER A 4 -7.28 20.28 2.18
N MET A 5 -6.44 19.73 1.28
CA MET A 5 -6.71 18.51 0.52
C MET A 5 -5.59 17.51 0.84
N ARG A 6 -5.93 16.23 1.16
CA ARG A 6 -4.99 15.14 1.45
C ARG A 6 -5.40 13.85 0.78
N TYR A 7 -4.39 13.08 0.35
CA TYR A 7 -4.49 11.70 -0.14
C TYR A 7 -3.71 10.86 0.84
N PHE A 8 -4.31 9.73 1.26
CA PHE A 8 -3.69 8.82 2.20
C PHE A 8 -3.61 7.44 1.52
N TYR A 9 -2.41 6.85 1.44
CA TYR A 9 -2.20 5.53 0.82
C TYR A 9 -1.72 4.56 1.89
N THR A 10 -2.27 3.34 1.88
CA THR A 10 -1.85 2.23 2.74
C THR A 10 -1.64 1.07 1.81
N ALA A 11 -0.42 0.49 1.87
CA ALA A 11 0.02 -0.67 1.08
C ALA A 11 0.46 -1.71 2.08
N MET A 12 -0.14 -2.89 1.99
CA MET A 12 0.14 -3.89 2.99
C MET A 12 0.36 -5.27 2.44
N SER A 13 1.48 -5.86 2.79
CA SER A 13 1.79 -7.25 2.45
C SER A 13 1.14 -8.16 3.51
N ARG A 14 0.71 -9.35 3.09
CA ARG A 14 0.04 -10.31 3.98
C ARG A 14 0.30 -11.73 3.39
N PRO A 15 1.56 -12.30 3.46
CA PRO A 15 1.84 -13.57 2.77
C PRO A 15 1.00 -14.74 3.27
N GLY A 16 0.39 -15.47 2.35
CA GLY A 16 -0.50 -16.58 2.68
C GLY A 16 -1.91 -16.16 3.06
N ARG A 17 -2.18 -14.83 3.24
CA ARG A 17 -3.52 -14.32 3.64
C ARG A 17 -4.32 -13.64 2.54
N GLY A 18 -3.64 -13.22 1.48
CA GLY A 18 -4.17 -12.55 0.30
C GLY A 18 -3.00 -11.98 -0.48
N GLU A 19 -3.26 -11.33 -1.64
CA GLU A 19 -2.20 -10.67 -2.43
C GLU A 19 -1.90 -9.28 -1.76
N PRO A 20 -0.78 -8.54 -2.05
CA PRO A 20 -0.56 -7.23 -1.41
C PRO A 20 -1.71 -6.27 -1.73
N ARG A 21 -2.20 -5.61 -0.69
CA ARG A 21 -3.36 -4.75 -0.79
C ARG A 21 -2.98 -3.26 -0.79
N PHE A 22 -3.64 -2.48 -1.65
CA PHE A 22 -3.42 -1.03 -1.73
C PHE A 22 -4.79 -0.34 -1.58
N ILE A 23 -4.92 0.52 -0.55
CA ILE A 23 -6.10 1.34 -0.24
C ILE A 23 -5.67 2.81 -0.33
N ALA A 24 -6.40 3.60 -1.12
CA ALA A 24 -6.19 5.04 -1.23
C ALA A 24 -7.49 5.72 -0.83
N VAL A 25 -7.40 6.82 -0.03
CA VAL A 25 -8.54 7.67 0.37
C VAL A 25 -8.18 9.13 0.18
N GLY A 26 -9.12 9.93 -0.31
CA GLY A 26 -8.94 11.36 -0.49
C GLY A 26 -9.86 12.12 0.44
N TYR A 27 -9.33 13.20 1.06
CA TYR A 27 -10.05 14.12 1.96
C TYR A 27 -9.94 15.59 1.52
N VAL A 28 -11.05 16.35 1.66
CA VAL A 28 -11.12 17.82 1.60
C VAL A 28 -11.46 18.16 3.05
N ASP A 29 -10.49 18.71 3.81
CA ASP A 29 -10.60 19.03 5.25
C ASP A 29 -10.96 17.75 6.00
N ASP A 30 -12.13 17.72 6.68
CA ASP A 30 -12.55 16.54 7.44
C ASP A 30 -13.50 15.62 6.66
N THR A 31 -13.70 15.87 5.35
CA THR A 31 -14.63 15.09 4.54
C THR A 31 -13.93 14.17 3.57
N GLN A 32 -14.19 12.86 3.65
CA GLN A 32 -13.63 11.91 2.67
C GLN A 32 -14.44 12.01 1.38
N PHE A 33 -13.77 12.15 0.21
CA PHE A 33 -14.52 12.30 -1.03
C PHE A 33 -14.34 11.19 -2.07
N VAL A 34 -13.24 10.39 -2.00
CA VAL A 34 -12.95 9.33 -2.96
C VAL A 34 -12.25 8.16 -2.27
N ARG A 35 -12.30 6.98 -2.91
CA ARG A 35 -11.59 5.78 -2.47
C ARG A 35 -11.25 4.86 -3.63
N PHE A 36 -10.25 4.04 -3.40
CA PHE A 36 -9.76 2.99 -4.25
C PHE A 36 -9.31 1.84 -3.32
N ASP A 37 -9.67 0.61 -3.66
CA ASP A 37 -9.28 -0.59 -2.93
C ASP A 37 -8.97 -1.67 -3.98
N SER A 38 -7.70 -2.09 -4.02
CA SER A 38 -7.21 -3.10 -4.97
C SER A 38 -7.87 -4.49 -4.77
N ASP A 39 -8.52 -4.74 -3.59
CA ASP A 39 -9.22 -5.97 -3.22
C ASP A 39 -10.60 -6.17 -3.84
N ALA A 40 -11.24 -5.10 -4.34
CA ALA A 40 -12.53 -5.24 -5.06
C ALA A 40 -12.32 -6.09 -6.33
N ALA A 41 -13.39 -6.77 -6.82
CA ALA A 41 -13.36 -7.66 -8.00
C ALA A 41 -12.87 -6.92 -9.25
N SER A 42 -13.39 -5.67 -9.45
CA SER A 42 -12.95 -4.76 -10.52
C SER A 42 -12.61 -3.41 -9.83
N PRO A 43 -11.30 -3.15 -9.55
CA PRO A 43 -10.94 -1.92 -8.81
C PRO A 43 -11.05 -0.62 -9.59
N ARG A 44 -11.66 0.38 -8.96
CA ARG A 44 -11.83 1.71 -9.52
C ARG A 44 -11.77 2.77 -8.45
N MET A 45 -11.35 4.00 -8.82
CA MET A 45 -11.48 5.12 -7.90
C MET A 45 -13.00 5.39 -7.89
N ALA A 46 -13.56 5.59 -6.69
CA ALA A 46 -15.00 5.72 -6.50
C ALA A 46 -15.38 6.89 -5.63
N PRO A 47 -16.52 7.57 -5.96
CA PRO A 47 -16.97 8.71 -5.14
C PRO A 47 -17.35 8.29 -3.72
N ARG A 48 -17.08 9.15 -2.72
CA ARG A 48 -17.45 8.90 -1.33
C ARG A 48 -18.22 10.05 -0.71
N ALA A 49 -18.30 11.20 -1.45
CA ALA A 49 -19.03 12.43 -1.10
C ALA A 49 -19.96 12.73 -2.27
N PRO A 50 -21.23 13.15 -2.00
CA PRO A 50 -22.18 13.37 -3.13
C PRO A 50 -21.78 14.46 -4.10
N TRP A 51 -21.01 15.45 -3.62
CA TRP A 51 -20.56 16.57 -4.44
C TRP A 51 -19.53 16.23 -5.53
N ILE A 52 -18.93 15.04 -5.48
CA ILE A 52 -17.95 14.65 -6.52
C ILE A 52 -18.60 13.72 -7.59
N GLU A 53 -19.79 13.17 -7.28
CA GLU A 53 -20.51 12.19 -8.11
C GLU A 53 -20.81 12.62 -9.54
N GLN A 54 -20.86 13.94 -9.78
CA GLN A 54 -21.15 14.46 -11.11
C GLN A 54 -19.92 14.84 -11.92
N GLU A 55 -18.74 14.36 -11.51
CA GLU A 55 -17.54 14.52 -12.32
C GLU A 55 -17.75 13.53 -13.45
N GLY A 56 -17.41 13.93 -14.67
CA GLY A 56 -17.58 13.11 -15.86
C GLY A 56 -16.79 11.82 -15.87
N PRO A 57 -17.05 10.95 -16.89
CA PRO A 57 -16.32 9.66 -16.98
C PRO A 57 -14.81 9.82 -17.19
N GLU A 58 -14.35 10.97 -17.73
CA GLU A 58 -12.92 11.21 -17.94
C GLU A 58 -12.14 11.38 -16.61
N TYR A 59 -12.81 11.90 -15.56
CA TYR A 59 -12.23 12.05 -14.23
C TYR A 59 -12.05 10.65 -13.58
N TRP A 60 -13.09 9.80 -13.61
CA TRP A 60 -13.04 8.46 -12.99
C TRP A 60 -12.05 7.49 -13.63
N ASP A 61 -11.92 7.53 -14.94
CA ASP A 61 -11.02 6.71 -15.73
C ASP A 61 -9.58 7.14 -15.48
N GLY A 62 -9.34 8.45 -15.47
CA GLY A 62 -8.01 9.03 -15.22
C GLY A 62 -7.50 8.71 -13.82
N GLU A 63 -8.42 8.70 -12.82
CA GLU A 63 -8.10 8.40 -11.42
C GLU A 63 -7.87 6.91 -11.21
N THR A 64 -8.70 6.07 -11.80
CA THR A 64 -8.60 4.61 -11.76
C THR A 64 -7.24 4.20 -12.31
N ARG A 65 -6.90 4.73 -13.51
CA ARG A 65 -5.64 4.46 -14.18
C ARG A 65 -4.44 4.81 -13.29
N ASN A 66 -4.46 6.00 -12.62
CA ASN A 66 -3.35 6.39 -11.74
C ASN A 66 -3.29 5.51 -10.49
N MET A 67 -4.45 5.13 -9.92
CA MET A 67 -4.47 4.26 -8.75
C MET A 67 -3.92 2.85 -9.02
N LYS A 68 -4.22 2.29 -10.21
CA LYS A 68 -3.68 0.99 -10.64
C LYS A 68 -2.17 1.03 -10.71
N ALA A 69 -1.58 2.14 -11.27
CA ALA A 69 -0.11 2.30 -11.35
C ALA A 69 0.50 2.46 -9.95
N SER A 70 -0.21 3.16 -9.03
CA SER A 70 0.26 3.38 -7.66
C SER A 70 0.28 2.08 -6.87
N ALA A 71 -0.75 1.25 -7.01
CA ALA A 71 -0.81 -0.09 -6.40
C ALA A 71 0.40 -0.92 -6.88
N GLN A 72 0.74 -0.82 -8.18
CA GLN A 72 1.87 -1.53 -8.76
C GLN A 72 3.21 -1.02 -8.21
N THR A 73 3.34 0.30 -8.06
CA THR A 73 4.56 0.91 -7.49
C THR A 73 4.75 0.55 -6.02
N TYR A 74 3.68 0.63 -5.20
CA TYR A 74 3.75 0.28 -3.77
C TYR A 74 3.96 -1.23 -3.47
N ARG A 75 3.52 -2.10 -4.38
CA ARG A 75 3.75 -3.56 -4.26
C ARG A 75 5.27 -3.80 -4.34
N GLU A 76 5.94 -3.14 -5.30
CA GLU A 76 7.39 -3.20 -5.49
C GLU A 76 8.13 -2.55 -4.33
N ASN A 77 7.59 -1.43 -3.82
CA ASN A 77 8.19 -0.72 -2.69
C ASN A 77 8.28 -1.57 -1.41
N LEU A 78 7.28 -2.44 -1.18
CA LEU A 78 7.24 -3.39 -0.08
C LEU A 78 8.38 -4.40 -0.23
N ARG A 79 8.57 -4.90 -1.46
CA ARG A 79 9.65 -5.81 -1.79
C ARG A 79 11.03 -5.18 -1.53
N ILE A 80 11.29 -3.96 -2.07
CA ILE A 80 12.58 -3.30 -1.84
C ILE A 80 12.86 -3.06 -0.32
N ALA A 81 11.82 -2.67 0.46
CA ALA A 81 11.95 -2.41 1.92
C ALA A 81 12.48 -3.63 2.69
N LEU A 82 12.09 -4.85 2.30
CA LEU A 82 12.59 -6.12 2.83
C LEU A 82 14.12 -6.26 2.60
N ARG A 83 14.61 -5.85 1.43
CA ARG A 83 16.05 -5.94 1.12
C ARG A 83 16.76 -4.86 1.94
N TYR A 84 16.17 -3.64 2.04
CA TYR A 84 16.72 -2.53 2.82
C TYR A 84 16.88 -2.86 4.28
N TYR A 85 15.89 -3.58 4.84
CA TYR A 85 15.85 -3.89 6.27
C TYR A 85 16.28 -5.29 6.65
N ASN A 86 16.67 -6.11 5.66
CA ASN A 86 17.11 -7.49 5.82
C ASN A 86 16.04 -8.32 6.60
N GLN A 87 14.77 -8.27 6.10
CA GLN A 87 13.61 -8.93 6.72
C GLN A 87 13.14 -10.14 5.93
N SER A 88 12.58 -11.13 6.64
CA SER A 88 12.02 -12.34 6.05
C SER A 88 10.88 -12.05 5.09
N GLU A 89 10.76 -12.92 4.06
CA GLU A 89 9.72 -12.81 3.05
C GLU A 89 8.38 -13.31 3.57
N ALA A 90 8.33 -13.87 4.80
CA ALA A 90 7.13 -14.43 5.44
C ALA A 90 6.32 -13.43 6.29
N GLY A 91 6.92 -12.29 6.65
CA GLY A 91 6.25 -11.33 7.50
C GLY A 91 5.31 -10.37 6.78
N SER A 92 4.41 -9.74 7.54
CA SER A 92 3.47 -8.76 7.06
C SER A 92 4.00 -7.37 7.41
N HIS A 93 4.09 -6.49 6.38
CA HIS A 93 4.60 -5.12 6.50
C HIS A 93 3.66 -4.08 5.93
N ILE A 94 3.79 -2.80 6.35
CA ILE A 94 2.92 -1.75 5.86
C ILE A 94 3.69 -0.48 5.46
N ILE A 95 3.36 0.08 4.29
CA ILE A 95 3.84 1.40 3.85
C ILE A 95 2.60 2.31 3.87
N GLN A 96 2.73 3.51 4.46
CA GLN A 96 1.74 4.57 4.51
C GLN A 96 2.29 5.83 3.85
N VAL A 97 1.45 6.53 3.10
CA VAL A 97 1.82 7.79 2.47
C VAL A 97 0.73 8.84 2.75
N MET A 98 1.13 10.08 3.05
CA MET A 98 0.22 11.21 3.13
C MET A 98 0.80 12.43 2.42
N TYR A 99 0.01 12.99 1.49
CA TYR A 99 0.42 14.18 0.71
C TYR A 99 -0.78 15.08 0.39
N GLY A 100 -0.48 16.33 0.07
CA GLY A 100 -1.53 17.28 -0.24
C GLY A 100 -1.13 18.69 0.07
N CYS A 101 -2.11 19.58 0.04
CA CYS A 101 -1.86 21.00 0.20
C CYS A 101 -2.79 21.65 1.16
N ASP A 102 -2.33 22.79 1.71
CA ASP A 102 -3.07 23.71 2.59
C ASP A 102 -3.17 25.04 1.85
N VAL A 103 -4.37 25.62 1.70
CA VAL A 103 -4.56 26.95 1.08
C VAL A 103 -5.13 27.93 2.12
N GLY A 104 -4.94 29.24 1.86
CA GLY A 104 -5.47 30.33 2.68
C GLY A 104 -6.86 30.80 2.27
N PRO A 105 -7.35 31.96 2.82
CA PRO A 105 -8.71 32.44 2.48
C PRO A 105 -8.89 32.84 1.03
N ASP A 106 -7.84 33.44 0.45
CA ASP A 106 -7.70 33.88 -0.94
C ASP A 106 -7.79 32.68 -1.94
N GLY A 107 -7.27 31.53 -1.51
CA GLY A 107 -7.22 30.30 -2.31
C GLY A 107 -5.81 30.00 -2.82
N ARG A 108 -4.79 30.67 -2.23
CA ARG A 108 -3.36 30.55 -2.57
C ARG A 108 -2.63 29.57 -1.65
N LEU A 109 -1.63 28.84 -2.19
CA LEU A 109 -0.85 27.85 -1.43
C LEU A 109 -0.15 28.38 -0.18
N LEU A 110 -0.40 27.70 0.96
CA LEU A 110 0.17 27.98 2.27
C LEU A 110 1.28 27.00 2.58
N ARG A 111 1.03 25.71 2.34
CA ARG A 111 1.97 24.62 2.63
C ARG A 111 1.69 23.38 1.79
N GLY A 112 2.76 22.75 1.31
CA GLY A 112 2.69 21.50 0.56
C GLY A 112 3.16 20.37 1.45
N HIS A 113 2.64 19.15 1.25
CA HIS A 113 3.05 18.01 2.09
C HIS A 113 3.24 16.78 1.25
N ASP A 114 4.20 15.92 1.66
CA ASP A 114 4.50 14.59 1.09
C ASP A 114 5.32 13.78 2.12
N GLN A 115 4.64 12.93 2.92
CA GLN A 115 5.25 12.15 4.01
C GLN A 115 4.99 10.64 3.85
N SER A 116 6.02 9.82 4.13
CA SER A 116 5.96 8.36 4.08
C SER A 116 6.36 7.72 5.40
N ALA A 117 5.84 6.50 5.64
CA ALA A 117 6.15 5.67 6.78
C ALA A 117 6.33 4.22 6.38
N TYR A 118 7.18 3.50 7.15
CA TYR A 118 7.34 2.05 7.04
C TYR A 118 7.08 1.46 8.43
N ASP A 119 6.17 0.48 8.51
CA ASP A 119 5.76 -0.21 9.75
C ASP A 119 5.39 0.76 10.92
N GLY A 120 4.67 1.82 10.57
CA GLY A 120 4.19 2.83 11.51
C GLY A 120 5.19 3.84 12.02
N LYS A 121 6.40 3.92 11.42
CA LYS A 121 7.43 4.89 11.83
C LYS A 121 7.80 5.74 10.63
N ASP A 122 8.19 6.99 10.86
CA ASP A 122 8.59 7.90 9.77
C ASP A 122 9.68 7.25 8.94
N TYR A 123 9.55 7.39 7.62
CA TYR A 123 10.54 6.88 6.70
C TYR A 123 11.16 8.10 5.95
N ILE A 124 10.42 8.72 5.01
CA ILE A 124 10.95 9.89 4.31
C ILE A 124 9.89 11.00 4.15
N ALA A 125 10.30 12.27 4.30
CA ALA A 125 9.42 13.41 4.18
C ALA A 125 10.02 14.53 3.37
N LEU A 126 9.18 15.17 2.52
CA LEU A 126 9.48 16.34 1.71
C LEU A 126 9.48 17.54 2.66
N ASN A 127 10.53 18.37 2.58
CA ASN A 127 10.65 19.57 3.42
C ASN A 127 9.73 20.69 2.92
N GLU A 128 9.44 21.68 3.79
CA GLU A 128 8.60 22.84 3.50
C GLU A 128 8.98 23.58 2.22
N ASP A 129 10.30 23.63 1.88
CA ASP A 129 10.79 24.27 0.66
C ASP A 129 10.31 23.55 -0.61
N LEU A 130 9.77 22.31 -0.46
CA LEU A 130 9.28 21.44 -1.54
C LEU A 130 10.41 21.15 -2.54
N SER A 131 11.65 21.06 -2.03
CA SER A 131 12.82 20.84 -2.90
C SER A 131 13.94 20.04 -2.23
N SER A 132 13.70 19.62 -1.00
CA SER A 132 14.61 18.78 -0.22
C SER A 132 13.80 17.80 0.62
N TRP A 133 14.47 16.74 1.09
CA TRP A 133 13.92 15.63 1.84
C TRP A 133 14.58 15.50 3.20
N THR A 134 13.84 14.91 4.17
CA THR A 134 14.33 14.50 5.49
C THR A 134 14.12 12.96 5.59
N ALA A 135 15.24 12.20 5.68
CA ALA A 135 15.25 10.73 5.77
C ALA A 135 15.47 10.35 7.24
N ALA A 136 14.61 9.49 7.81
CA ALA A 136 14.65 9.14 9.22
C ALA A 136 15.68 8.08 9.63
N ASP A 137 16.17 7.26 8.68
CA ASP A 137 17.16 6.20 8.94
C ASP A 137 18.00 5.89 7.73
N THR A 138 18.97 4.97 7.87
CA THR A 138 19.92 4.60 6.81
C THR A 138 19.24 3.99 5.57
N ALA A 139 18.10 3.30 5.75
CA ALA A 139 17.33 2.74 4.64
C ALA A 139 16.66 3.83 3.80
N ALA A 140 16.03 4.84 4.45
CA ALA A 140 15.36 5.96 3.77
C ALA A 140 16.37 6.88 3.07
N GLN A 141 17.63 6.83 3.56
CA GLN A 141 18.76 7.55 2.98
C GLN A 141 19.08 7.04 1.59
N ILE A 142 18.79 5.74 1.29
CA ILE A 142 18.94 5.16 -0.07
C ILE A 142 17.85 5.77 -0.95
N THR A 143 16.59 5.82 -0.44
CA THR A 143 15.46 6.43 -1.17
C THR A 143 15.76 7.93 -1.52
N GLN A 144 16.38 8.66 -0.57
CA GLN A 144 16.74 10.08 -0.73
C GLN A 144 17.73 10.28 -1.88
N ARG A 145 18.78 9.45 -1.91
CA ARG A 145 19.80 9.49 -2.97
C ARG A 145 19.18 9.23 -4.34
N LYS A 146 18.20 8.29 -4.42
CA LYS A 146 17.49 7.98 -5.66
C LYS A 146 16.58 9.13 -6.07
N TRP A 147 15.84 9.71 -5.12
CA TRP A 147 14.90 10.79 -5.42
C TRP A 147 15.60 12.09 -5.79
N GLU A 148 16.76 12.38 -5.15
CA GLU A 148 17.62 13.54 -5.52
C GLU A 148 18.16 13.27 -6.94
N ALA A 149 18.66 12.05 -7.22
CA ALA A 149 19.21 11.69 -8.53
C ALA A 149 18.18 11.74 -9.69
N ALA A 150 16.86 11.50 -9.40
CA ALA A 150 15.75 11.49 -10.36
C ALA A 150 14.94 12.79 -10.38
N ARG A 151 15.33 13.74 -9.54
CA ARG A 151 14.66 15.05 -9.38
C ARG A 151 13.14 14.89 -9.08
N VAL A 152 12.83 14.05 -8.08
CA VAL A 152 11.45 13.75 -7.65
C VAL A 152 10.75 14.97 -7.04
N ALA A 153 11.46 15.74 -6.17
CA ALA A 153 10.90 16.95 -5.55
C ALA A 153 10.33 17.95 -6.56
N GLU A 154 11.01 18.13 -7.72
CA GLU A 154 10.58 19.03 -8.80
C GLU A 154 9.18 18.69 -9.34
N GLN A 155 8.92 17.40 -9.56
CA GLN A 155 7.60 16.92 -10.03
C GLN A 155 6.57 17.10 -8.92
N LEU A 156 6.94 16.80 -7.66
CA LEU A 156 6.07 17.00 -6.50
C LEU A 156 5.68 18.48 -6.35
N ARG A 157 6.67 19.39 -6.36
CA ARG A 157 6.44 20.83 -6.24
C ARG A 157 5.45 21.30 -7.31
N ALA A 158 5.64 20.90 -8.60
CA ALA A 158 4.72 21.31 -9.69
C ALA A 158 3.27 20.89 -9.42
N TYR A 159 3.05 19.69 -8.82
CA TYR A 159 1.73 19.20 -8.45
C TYR A 159 1.16 20.09 -7.32
N LEU A 160 1.89 20.20 -6.19
CA LEU A 160 1.48 20.95 -4.99
C LEU A 160 1.16 22.44 -5.22
N GLU A 161 1.82 23.09 -6.19
CA GLU A 161 1.64 24.51 -6.55
C GLU A 161 0.49 24.70 -7.55
N GLY A 162 0.36 23.75 -8.47
CA GLY A 162 -0.60 23.80 -9.56
C GLY A 162 -1.89 23.05 -9.34
N LEU A 163 -1.89 21.77 -9.74
CA LEU A 163 -3.04 20.88 -9.75
C LEU A 163 -3.70 20.68 -8.40
N CYS A 164 -2.89 20.53 -7.34
CA CYS A 164 -3.37 20.30 -5.99
C CYS A 164 -4.22 21.49 -5.49
N VAL A 165 -3.72 22.72 -5.73
CA VAL A 165 -4.39 23.95 -5.31
C VAL A 165 -5.65 24.19 -6.17
N GLU A 166 -5.53 23.93 -7.49
CA GLU A 166 -6.59 24.14 -8.46
C GLU A 166 -7.75 23.17 -8.24
N TRP A 167 -7.44 21.88 -7.99
CA TRP A 167 -8.45 20.87 -7.75
C TRP A 167 -9.13 21.09 -6.41
N LEU A 168 -8.36 21.44 -5.35
CA LEU A 168 -8.96 21.75 -4.02
C LEU A 168 -10.01 22.87 -4.16
N ARG A 169 -9.64 23.95 -4.88
CA ARG A 169 -10.52 25.08 -5.21
C ARG A 169 -11.78 24.60 -5.92
N ARG A 170 -11.66 23.77 -6.96
CA ARG A 170 -12.82 23.22 -7.66
C ARG A 170 -13.73 22.42 -6.69
N TYR A 171 -13.13 21.58 -5.81
CA TYR A 171 -13.88 20.76 -4.84
C TYR A 171 -14.63 21.61 -3.82
N LEU A 172 -14.02 22.73 -3.37
CA LEU A 172 -14.65 23.67 -2.43
C LEU A 172 -15.87 24.35 -3.05
N GLU A 173 -15.84 24.66 -4.36
CA GLU A 173 -17.01 25.21 -5.06
C GLU A 173 -18.02 24.12 -5.30
N ASN A 174 -17.60 22.87 -5.60
CA ASN A 174 -18.51 21.73 -5.79
C ASN A 174 -19.39 21.48 -4.59
N GLY A 175 -18.78 21.49 -3.40
CA GLY A 175 -19.49 21.20 -2.15
C GLY A 175 -19.58 22.37 -1.22
N LYS A 176 -19.70 23.57 -1.78
CA LYS A 176 -19.78 24.84 -1.05
C LYS A 176 -20.69 24.76 0.19
N GLU A 177 -21.92 24.24 0.02
CA GLU A 177 -22.89 24.18 1.10
C GLU A 177 -22.67 23.22 2.29
N THR A 178 -21.67 22.29 2.20
CA THR A 178 -21.30 21.38 3.30
C THR A 178 -19.84 21.55 3.71
N LEU A 179 -19.00 21.99 2.78
CA LEU A 179 -17.59 22.16 3.04
C LEU A 179 -17.25 23.52 3.60
N GLN A 180 -18.02 24.54 3.21
CA GLN A 180 -17.72 25.93 3.58
C GLN A 180 -18.78 26.61 4.47
N ARG A 181 -19.77 25.86 4.94
CA ARG A 181 -20.83 26.36 5.80
C ARG A 181 -20.71 25.54 7.04
N ALA A 182 -20.09 26.12 8.07
CA ALA A 182 -19.82 25.45 9.34
C ALA A 182 -21.10 25.16 10.08
N ASP A 183 -21.32 23.88 10.45
CA ASP A 183 -22.52 23.43 11.16
C ASP A 183 -22.30 23.51 12.63
N PRO A 184 -22.97 24.43 13.35
CA PRO A 184 -22.73 24.55 14.79
C PRO A 184 -23.15 23.30 15.58
N PRO A 185 -22.52 23.03 16.73
CA PRO A 185 -22.96 21.89 17.54
C PRO A 185 -24.28 22.15 18.29
N LYS A 186 -25.04 21.07 18.54
CA LYS A 186 -26.25 21.06 19.38
C LYS A 186 -25.67 20.64 20.72
N THR A 187 -25.89 21.46 21.73
CA THR A 187 -25.28 21.27 23.04
C THR A 187 -26.30 21.04 24.18
N HIS A 188 -25.84 20.35 25.27
CA HIS A 188 -26.61 20.07 26.50
C HIS A 188 -25.72 19.48 27.58
N VAL A 189 -26.09 19.71 28.85
CA VAL A 189 -25.35 19.19 29.98
C VAL A 189 -26.18 18.08 30.64
N THR A 190 -25.57 16.91 30.91
CA THR A 190 -26.24 15.80 31.61
C THR A 190 -25.59 15.64 32.98
N HIS A 191 -26.33 15.08 33.94
CA HIS A 191 -25.90 14.88 35.34
C HIS A 191 -25.95 13.40 35.69
N HIS A 192 -24.88 12.87 36.33
CA HIS A 192 -24.80 11.44 36.68
C HIS A 192 -24.20 11.23 38.08
N PRO A 193 -24.99 10.82 39.08
CA PRO A 193 -24.41 10.57 40.41
C PRO A 193 -23.42 9.39 40.43
N ILE A 194 -22.35 9.50 41.23
CA ILE A 194 -21.34 8.46 41.40
C ILE A 194 -21.51 7.87 42.79
N SER A 195 -21.75 8.74 43.78
CA SER A 195 -21.93 8.42 45.19
C SER A 195 -22.93 9.40 45.80
N ASP A 196 -22.94 9.50 47.14
CA ASP A 196 -23.79 10.45 47.87
C ASP A 196 -23.06 11.79 48.06
N HIS A 197 -21.76 11.87 47.72
CA HIS A 197 -20.96 13.07 47.89
C HIS A 197 -20.43 13.68 46.57
N GLU A 198 -20.47 12.91 45.47
CA GLU A 198 -19.96 13.37 44.18
C GLU A 198 -20.90 13.02 43.05
N ALA A 199 -20.84 13.80 41.96
CA ALA A 199 -21.61 13.51 40.76
C ALA A 199 -20.81 13.94 39.51
N THR A 200 -21.16 13.36 38.35
CA THR A 200 -20.54 13.70 37.07
C THR A 200 -21.39 14.65 36.26
N LEU A 201 -20.78 15.74 35.79
CA LEU A 201 -21.43 16.68 34.87
C LEU A 201 -20.84 16.47 33.48
N ARG A 202 -21.67 16.13 32.47
CA ARG A 202 -21.16 15.89 31.11
C ARG A 202 -21.67 16.92 30.11
N CYS A 203 -20.78 17.69 29.48
CA CYS A 203 -21.19 18.64 28.45
C CYS A 203 -21.06 18.03 27.07
N TRP A 204 -22.15 18.02 26.27
CA TRP A 204 -22.19 17.40 24.93
C TRP A 204 -22.20 18.39 23.78
N ALA A 205 -21.48 18.06 22.70
CA ALA A 205 -21.48 18.82 21.45
C ALA A 205 -21.75 17.80 20.34
N LEU A 206 -22.88 17.94 19.64
CA LEU A 206 -23.30 16.99 18.60
C LEU A 206 -23.64 17.64 17.29
N GLY A 207 -23.43 16.86 16.21
CA GLY A 207 -23.74 17.25 14.84
C GLY A 207 -22.96 18.42 14.30
N PHE A 208 -21.69 18.57 14.72
CA PHE A 208 -20.91 19.69 14.26
C PHE A 208 -19.96 19.39 13.12
N TYR A 209 -19.68 20.41 12.29
CA TYR A 209 -18.72 20.33 11.20
C TYR A 209 -18.11 21.74 10.99
N PRO A 210 -16.76 21.92 10.88
CA PRO A 210 -15.69 20.90 10.92
C PRO A 210 -15.46 20.26 12.29
N ALA A 211 -14.53 19.27 12.34
CA ALA A 211 -14.22 18.51 13.55
C ALA A 211 -13.64 19.36 14.66
N GLU A 212 -12.88 20.42 14.30
CA GLU A 212 -12.25 21.33 15.26
C GLU A 212 -13.28 21.95 16.24
N ILE A 213 -13.00 21.87 17.56
CA ILE A 213 -13.88 22.37 18.65
C ILE A 213 -13.11 22.44 19.99
N THR A 214 -13.57 23.34 20.89
CA THR A 214 -13.01 23.45 22.25
C THR A 214 -14.14 23.42 23.25
N LEU A 215 -14.09 22.42 24.14
CA LEU A 215 -15.00 22.21 25.26
C LEU A 215 -14.16 22.31 26.52
N THR A 216 -14.57 23.17 27.49
CA THR A 216 -13.87 23.38 28.77
C THR A 216 -14.89 23.55 29.89
N TRP A 217 -14.52 23.11 31.09
CA TRP A 217 -15.35 23.25 32.27
C TRP A 217 -14.67 24.27 33.19
N GLN A 218 -15.43 25.27 33.67
CA GLN A 218 -14.95 26.27 34.61
C GLN A 218 -15.73 26.15 35.92
N ARG A 219 -15.05 26.26 37.07
CA ARG A 219 -15.65 26.30 38.40
C ARG A 219 -15.42 27.72 38.86
N ASP A 220 -16.51 28.50 38.97
CA ASP A 220 -16.49 29.92 39.38
C ASP A 220 -15.48 30.75 38.55
N GLY A 221 -15.44 30.50 37.23
CA GLY A 221 -14.56 31.20 36.30
C GLY A 221 -13.09 30.84 36.21
N GLU A 222 -12.64 29.80 36.94
CA GLU A 222 -11.33 29.15 36.76
C GLU A 222 -11.38 27.84 35.95
N ASP A 223 -10.51 27.72 34.92
CA ASP A 223 -10.41 26.55 34.00
C ASP A 223 -9.98 25.27 34.73
N GLN A 224 -10.84 24.24 34.66
CA GLN A 224 -10.68 22.95 35.33
C GLN A 224 -9.94 21.85 34.52
N THR A 225 -8.92 22.26 33.75
CA THR A 225 -8.08 21.43 32.87
C THR A 225 -7.57 20.13 33.53
N GLN A 226 -7.02 20.23 34.75
CA GLN A 226 -6.49 19.12 35.55
C GLN A 226 -7.56 18.03 35.85
N ASP A 227 -8.81 18.43 36.14
CA ASP A 227 -9.88 17.50 36.48
C ASP A 227 -10.92 17.16 35.40
N THR A 228 -10.81 17.77 34.19
CA THR A 228 -11.71 17.53 33.07
C THR A 228 -11.30 16.30 32.24
N GLU A 229 -12.25 15.37 32.04
CA GLU A 229 -12.12 14.17 31.20
C GLU A 229 -12.67 14.54 29.80
N LEU A 230 -11.79 14.50 28.80
CA LEU A 230 -12.12 14.87 27.43
C LEU A 230 -12.02 13.64 26.48
N VAL A 231 -13.16 13.20 25.97
CA VAL A 231 -13.25 12.09 25.03
C VAL A 231 -12.75 12.56 23.64
N GLU A 232 -12.18 11.63 22.82
CA GLU A 232 -11.67 11.93 21.48
C GLU A 232 -12.85 12.30 20.56
N THR A 233 -12.69 13.31 19.70
CA THR A 233 -13.73 13.69 18.73
C THR A 233 -13.99 12.47 17.84
N ARG A 234 -15.25 12.09 17.70
CA ARG A 234 -15.62 10.88 16.98
C ARG A 234 -16.62 11.20 15.87
N PRO A 235 -16.64 10.43 14.75
CA PRO A 235 -17.64 10.68 13.69
C PRO A 235 -19.05 10.17 14.04
N ALA A 236 -20.04 10.99 13.72
CA ALA A 236 -21.44 10.65 13.93
C ALA A 236 -21.90 9.64 12.87
N GLY A 237 -21.21 9.63 11.73
CA GLY A 237 -21.50 8.72 10.63
C GLY A 237 -22.23 9.37 9.47
N ASP A 238 -22.66 10.62 9.66
CA ASP A 238 -23.38 11.42 8.67
C ASP A 238 -22.55 12.67 8.19
N ARG A 239 -21.21 12.63 8.33
CA ARG A 239 -20.25 13.68 7.96
C ARG A 239 -20.11 14.80 8.99
N THR A 240 -20.77 14.62 10.14
CA THR A 240 -20.69 15.52 11.29
C THR A 240 -19.94 14.78 12.42
N PHE A 241 -19.65 15.51 13.48
CA PHE A 241 -18.82 15.02 14.57
C PHE A 241 -19.48 15.18 15.93
N GLN A 242 -18.93 14.49 16.95
CA GLN A 242 -19.44 14.52 18.32
C GLN A 242 -18.25 14.58 19.28
N LYS A 243 -18.47 15.17 20.49
CA LYS A 243 -17.51 15.29 21.57
C LYS A 243 -18.25 15.59 22.88
N TRP A 244 -17.67 15.15 23.99
CA TRP A 244 -18.14 15.47 25.33
C TRP A 244 -16.97 15.74 26.27
N ALA A 245 -17.24 16.46 27.36
CA ALA A 245 -16.31 16.83 28.41
C ALA A 245 -17.06 16.60 29.72
N ALA A 246 -16.43 15.85 30.66
CA ALA A 246 -17.02 15.51 31.95
C ALA A 246 -16.17 15.98 33.10
N VAL A 247 -16.82 16.38 34.20
CA VAL A 247 -16.12 16.83 35.40
C VAL A 247 -16.79 16.23 36.62
N VAL A 248 -15.98 15.81 37.62
CA VAL A 248 -16.49 15.27 38.86
C VAL A 248 -16.69 16.46 39.82
N VAL A 249 -17.90 16.63 40.33
CA VAL A 249 -18.23 17.77 41.19
C VAL A 249 -18.80 17.33 42.56
N PRO A 250 -18.51 18.08 43.66
CA PRO A 250 -19.12 17.73 44.97
C PRO A 250 -20.64 17.92 44.93
N SER A 251 -21.41 17.02 45.60
CA SER A 251 -22.88 17.12 45.64
C SER A 251 -23.33 18.45 46.23
N GLY A 252 -24.29 19.09 45.56
CA GLY A 252 -24.80 20.40 45.93
C GLY A 252 -23.96 21.58 45.48
N GLU A 253 -22.94 21.35 44.62
CA GLU A 253 -22.06 22.40 44.09
C GLU A 253 -22.15 22.60 42.55
N GLU A 254 -23.08 21.91 41.88
CA GLU A 254 -23.27 21.96 40.41
C GLU A 254 -23.40 23.36 39.80
N GLN A 255 -24.00 24.31 40.57
CA GLN A 255 -24.19 25.73 40.20
C GLN A 255 -22.87 26.47 40.00
N ARG A 256 -21.78 26.00 40.60
CA ARG A 256 -20.49 26.68 40.48
C ARG A 256 -19.85 26.46 39.11
N TYR A 257 -20.29 25.40 38.41
CA TYR A 257 -19.70 24.93 37.16
C TYR A 257 -20.38 25.39 35.88
N THR A 258 -19.58 25.83 34.89
CA THR A 258 -20.09 26.21 33.55
C THR A 258 -19.30 25.53 32.44
N CYS A 259 -20.01 25.09 31.42
CA CYS A 259 -19.36 24.53 30.25
C CYS A 259 -19.25 25.60 29.19
N HIS A 260 -18.10 25.65 28.54
CA HIS A 260 -17.81 26.63 27.49
C HIS A 260 -17.45 25.91 26.18
N VAL A 261 -18.17 26.29 25.11
CA VAL A 261 -18.05 25.70 23.76
C VAL A 261 -17.56 26.73 22.74
N GLN A 262 -16.50 26.38 21.96
CA GLN A 262 -15.98 27.22 20.90
C GLN A 262 -15.97 26.41 19.61
N HIS A 263 -16.62 26.90 18.56
CA HIS A 263 -16.68 26.22 17.25
C HIS A 263 -16.92 27.28 16.20
N GLU A 264 -16.41 27.09 14.95
CA GLU A 264 -16.59 28.11 13.90
C GLU A 264 -18.01 28.41 13.44
N GLY A 265 -18.95 27.49 13.66
CA GLY A 265 -20.37 27.71 13.35
C GLY A 265 -21.07 28.51 14.44
N LEU A 266 -20.35 28.82 15.53
CA LEU A 266 -20.88 29.63 16.61
C LEU A 266 -20.30 31.05 16.50
N PRO A 267 -21.15 32.11 16.29
CA PRO A 267 -20.61 33.49 16.19
C PRO A 267 -19.88 33.96 17.46
N LYS A 268 -20.38 33.55 18.62
CA LYS A 268 -19.77 33.82 19.92
C LYS A 268 -19.69 32.49 20.69
N PRO A 269 -18.74 32.31 21.64
CA PRO A 269 -18.69 31.07 22.42
C PRO A 269 -19.91 30.90 23.30
N LEU A 270 -20.34 29.65 23.54
CA LEU A 270 -21.48 29.34 24.41
C LEU A 270 -21.08 28.99 25.83
N THR A 271 -21.89 29.43 26.79
CA THR A 271 -21.78 29.13 28.22
C THR A 271 -23.02 28.33 28.57
N LEU A 272 -22.82 27.12 29.09
CA LEU A 272 -23.91 26.21 29.47
C LEU A 272 -23.75 25.87 30.92
N ARG A 273 -24.83 25.45 31.55
CA ARG A 273 -24.86 24.98 32.93
C ARG A 273 -26.00 24.00 33.17
N TRP A 274 -25.78 23.09 34.11
CA TRP A 274 -26.81 22.12 34.42
C TRP A 274 -27.86 22.71 35.38
N GLU A 275 -29.12 22.26 35.22
CA GLU A 275 -30.24 22.57 36.11
C GLU A 275 -31.17 21.39 36.28
N ILE B 1 6.79 -2.68 16.96
CA ILE B 1 5.92 -1.51 16.75
C ILE B 1 4.43 -1.87 16.57
N GLN B 2 3.71 -1.86 17.69
CA GLN B 2 2.30 -2.20 17.78
C GLN B 2 1.58 -1.25 18.74
N ARG B 3 0.39 -0.80 18.34
CA ARG B 3 -0.43 0.13 19.12
C ARG B 3 -1.81 -0.47 19.28
N THR B 4 -2.32 -0.54 20.52
CA THR B 4 -3.62 -1.12 20.85
C THR B 4 -4.77 -0.19 20.46
N PRO B 5 -5.90 -0.68 19.91
CA PRO B 5 -6.98 0.24 19.55
C PRO B 5 -7.71 0.89 20.71
N LYS B 6 -8.09 2.18 20.54
CA LYS B 6 -9.00 2.89 21.44
C LYS B 6 -10.38 2.55 20.86
N ILE B 7 -11.41 2.38 21.73
CA ILE B 7 -12.76 2.01 21.30
C ILE B 7 -13.80 2.94 21.93
N GLN B 8 -14.79 3.42 21.12
CA GLN B 8 -15.94 4.20 21.57
C GLN B 8 -17.16 3.62 20.91
N VAL B 9 -18.22 3.32 21.71
CA VAL B 9 -19.49 2.74 21.22
C VAL B 9 -20.56 3.75 21.61
N TYR B 10 -21.35 4.20 20.65
CA TYR B 10 -22.29 5.28 20.84
C TYR B 10 -23.28 5.31 19.69
N SER B 11 -24.32 6.14 19.83
CA SER B 11 -25.37 6.29 18.83
C SER B 11 -25.18 7.62 18.05
N ARG B 12 -25.66 7.66 16.79
CA ARG B 12 -25.54 8.84 15.92
C ARG B 12 -26.36 9.99 16.48
N HIS B 13 -27.57 9.68 16.95
CA HIS B 13 -28.45 10.67 17.55
C HIS B 13 -28.74 10.28 19.01
N PRO B 14 -29.15 11.23 19.90
CA PRO B 14 -29.53 10.82 21.27
C PRO B 14 -30.62 9.73 21.22
N ALA B 15 -30.38 8.63 21.94
CA ALA B 15 -31.27 7.46 21.91
C ALA B 15 -32.61 7.72 22.54
N GLU B 16 -33.66 7.21 21.88
CA GLU B 16 -35.07 7.23 22.32
C GLU B 16 -35.61 5.86 21.97
N ASN B 17 -36.13 5.13 22.98
CA ASN B 17 -36.69 3.79 22.75
C ASN B 17 -37.82 3.79 21.72
N GLY B 18 -37.73 2.85 20.78
CA GLY B 18 -38.71 2.71 19.70
C GLY B 18 -38.48 3.60 18.50
N LYS B 19 -37.45 4.46 18.54
CA LYS B 19 -37.10 5.36 17.45
C LYS B 19 -35.84 4.86 16.72
N SER B 20 -35.92 4.77 15.39
CA SER B 20 -34.85 4.34 14.50
C SER B 20 -33.63 5.27 14.65
N ASN B 21 -32.41 4.67 14.65
CA ASN B 21 -31.16 5.38 14.86
C ASN B 21 -30.01 4.60 14.22
N PHE B 22 -28.74 4.95 14.55
CA PHE B 22 -27.56 4.26 14.05
C PHE B 22 -26.63 3.95 15.23
N LEU B 23 -26.12 2.71 15.28
CA LEU B 23 -25.18 2.26 16.32
C LEU B 23 -23.77 2.32 15.75
N ASN B 24 -22.88 3.06 16.39
CA ASN B 24 -21.51 3.24 15.92
C ASN B 24 -20.51 2.61 16.84
N CYS B 25 -19.45 2.09 16.24
CA CYS B 25 -18.29 1.65 16.99
C CYS B 25 -17.11 2.22 16.26
N TYR B 26 -16.44 3.18 16.91
CA TYR B 26 -15.29 3.87 16.36
C TYR B 26 -14.00 3.33 16.99
N VAL B 27 -13.15 2.73 16.14
CA VAL B 27 -11.88 2.16 16.57
C VAL B 27 -10.75 3.05 16.00
N SER B 28 -9.80 3.45 16.86
CA SER B 28 -8.70 4.35 16.49
C SER B 28 -7.41 4.10 17.27
N GLY B 29 -6.35 4.78 16.86
CA GLY B 29 -5.03 4.71 17.45
C GLY B 29 -4.32 3.37 17.36
N PHE B 30 -4.73 2.49 16.42
CA PHE B 30 -4.16 1.13 16.28
C PHE B 30 -3.17 0.95 15.12
N HIS B 31 -2.25 0.00 15.30
CA HIS B 31 -1.23 -0.38 14.32
C HIS B 31 -0.73 -1.78 14.68
N PRO B 32 -0.67 -2.74 13.72
CA PRO B 32 -0.99 -2.65 12.27
C PRO B 32 -2.50 -2.50 11.98
N SER B 33 -2.89 -2.48 10.70
CA SER B 33 -4.26 -2.23 10.21
C SER B 33 -5.28 -3.35 10.36
N ASP B 34 -4.81 -4.61 10.44
CA ASP B 34 -5.69 -5.76 10.56
C ASP B 34 -6.46 -5.70 11.87
N ILE B 35 -7.80 -5.68 11.77
CA ILE B 35 -8.67 -5.58 12.94
C ILE B 35 -9.97 -6.29 12.69
N GLU B 36 -10.50 -6.90 13.74
CA GLU B 36 -11.78 -7.61 13.67
C GLU B 36 -12.73 -6.82 14.53
N VAL B 37 -13.85 -6.39 13.94
CA VAL B 37 -14.84 -5.59 14.65
C VAL B 37 -16.26 -6.13 14.41
N ASP B 38 -16.95 -6.42 15.49
CA ASP B 38 -18.32 -6.93 15.49
C ASP B 38 -19.19 -6.10 16.39
N LEU B 39 -20.41 -5.80 15.91
CA LEU B 39 -21.47 -5.10 16.63
C LEU B 39 -22.39 -6.21 17.11
N LEU B 40 -22.71 -6.22 18.42
CA LEU B 40 -23.53 -7.31 18.95
C LEU B 40 -24.86 -6.85 19.45
N LYS B 41 -25.88 -7.67 19.24
CA LYS B 41 -27.22 -7.47 19.82
C LYS B 41 -27.48 -8.70 20.69
N ASN B 42 -27.60 -8.47 22.01
CA ASN B 42 -27.80 -9.51 23.03
C ASN B 42 -26.81 -10.67 22.83
N GLY B 43 -25.52 -10.31 22.70
CA GLY B 43 -24.41 -11.24 22.49
C GLY B 43 -24.27 -11.87 21.12
N GLU B 44 -25.23 -11.66 20.21
CA GLU B 44 -25.17 -12.22 18.84
C GLU B 44 -24.73 -11.15 17.80
N ARG B 45 -23.90 -11.55 16.85
CA ARG B 45 -23.36 -10.69 15.78
C ARG B 45 -24.47 -10.16 14.87
N ILE B 46 -24.52 -8.81 14.67
CA ILE B 46 -25.50 -8.18 13.77
C ILE B 46 -24.93 -8.41 12.36
N GLU B 47 -25.76 -8.89 11.44
CA GLU B 47 -25.30 -9.21 10.08
C GLU B 47 -25.02 -8.03 9.12
N LYS B 48 -25.91 -7.03 9.06
CA LYS B 48 -25.78 -5.92 8.10
C LYS B 48 -24.86 -4.75 8.53
N VAL B 49 -23.67 -5.04 9.08
CA VAL B 49 -22.80 -3.94 9.49
C VAL B 49 -21.80 -3.49 8.43
N GLU B 50 -21.71 -2.18 8.24
CA GLU B 50 -20.83 -1.55 7.29
C GLU B 50 -19.69 -0.84 8.00
N HIS B 51 -18.62 -0.52 7.24
CA HIS B 51 -17.51 0.22 7.81
C HIS B 51 -16.98 1.22 6.82
N SER B 52 -16.36 2.26 7.37
CA SER B 52 -15.71 3.30 6.62
C SER B 52 -14.41 2.74 5.97
N ASP B 53 -13.88 3.43 4.98
CA ASP B 53 -12.65 3.09 4.29
C ASP B 53 -11.46 3.42 5.20
N LEU B 54 -10.49 2.49 5.26
CA LEU B 54 -9.28 2.61 6.06
C LEU B 54 -8.51 3.88 5.81
N SER B 55 -8.28 4.63 6.89
CA SER B 55 -7.53 5.86 6.90
C SER B 55 -6.74 5.94 8.19
N PHE B 56 -5.90 6.96 8.31
CA PHE B 56 -4.98 7.13 9.46
C PHE B 56 -4.75 8.60 9.86
N SER B 57 -4.25 8.80 11.11
CA SER B 57 -3.93 10.07 11.78
C SER B 57 -2.46 10.48 11.52
N LYS B 58 -2.08 11.70 11.93
CA LYS B 58 -0.74 12.28 11.74
C LYS B 58 0.35 11.46 12.41
N ASP B 59 -0.01 10.70 13.45
CA ASP B 59 0.92 9.82 14.14
C ASP B 59 1.02 8.45 13.44
N TRP B 60 0.30 8.28 12.26
CA TRP B 60 0.25 7.07 11.43
C TRP B 60 -0.71 6.02 11.94
N SER B 61 -1.38 6.26 13.06
CA SER B 61 -2.25 5.22 13.58
C SER B 61 -3.57 5.24 12.85
N PHE B 62 -4.09 4.04 12.60
CA PHE B 62 -5.32 3.79 11.84
C PHE B 62 -6.60 4.09 12.60
N TYR B 63 -7.68 4.44 11.83
CA TYR B 63 -9.01 4.62 12.37
C TYR B 63 -10.10 4.06 11.42
N LEU B 64 -11.15 3.46 12.01
CA LEU B 64 -12.29 2.92 11.24
C LEU B 64 -13.60 3.15 12.00
N LEU B 65 -14.70 3.40 11.26
CA LEU B 65 -16.01 3.51 11.86
C LEU B 65 -16.88 2.34 11.37
N TYR B 66 -17.37 1.50 12.29
CA TYR B 66 -18.31 0.40 12.05
C TYR B 66 -19.69 0.88 12.51
N TYR B 67 -20.73 0.62 11.70
CA TYR B 67 -22.08 1.11 11.99
C TYR B 67 -23.19 0.22 11.41
N THR B 68 -24.41 0.34 11.98
CA THR B 68 -25.65 -0.32 11.54
C THR B 68 -26.81 0.50 12.01
N GLU B 69 -27.90 0.44 11.25
CA GLU B 69 -29.16 1.07 11.57
C GLU B 69 -29.79 0.19 12.65
N PHE B 70 -30.30 0.80 13.74
CA PHE B 70 -30.89 0.05 14.86
C PHE B 70 -31.96 0.86 15.58
N THR B 71 -32.77 0.15 16.37
CA THR B 71 -33.84 0.74 17.18
C THR B 71 -33.60 0.36 18.65
N PRO B 72 -33.14 1.30 19.50
CA PRO B 72 -32.96 0.95 20.91
C PRO B 72 -34.29 0.61 21.60
N THR B 73 -34.22 -0.19 22.66
CA THR B 73 -35.34 -0.62 23.52
C THR B 73 -34.78 -0.69 24.96
N GLU B 74 -35.64 -0.92 25.97
CA GLU B 74 -35.19 -1.06 27.35
C GLU B 74 -34.59 -2.46 27.56
N LYS B 75 -35.12 -3.46 26.84
CA LYS B 75 -34.74 -4.88 26.87
C LYS B 75 -33.38 -5.24 26.19
N ASP B 76 -33.08 -4.62 25.03
CA ASP B 76 -31.88 -4.95 24.27
C ASP B 76 -30.58 -4.31 24.74
N GLU B 77 -29.50 -5.10 24.71
CA GLU B 77 -28.16 -4.67 25.10
C GLU B 77 -27.27 -4.71 23.86
N TYR B 78 -26.67 -3.58 23.50
CA TYR B 78 -25.78 -3.52 22.34
C TYR B 78 -24.36 -3.39 22.83
N ALA B 79 -23.42 -3.92 22.05
CA ALA B 79 -22.01 -3.89 22.38
C ALA B 79 -21.19 -3.96 21.10
N CYS B 80 -19.91 -3.62 21.21
CA CYS B 80 -18.96 -3.75 20.14
C CYS B 80 -17.84 -4.69 20.61
N ARG B 81 -17.43 -5.64 19.75
CA ARG B 81 -16.40 -6.64 20.05
C ARG B 81 -15.24 -6.44 19.11
N VAL B 82 -14.05 -6.19 19.67
CA VAL B 82 -12.86 -5.90 18.87
C VAL B 82 -11.69 -6.87 19.11
N ASN B 83 -11.08 -7.42 18.04
CA ASN B 83 -9.86 -8.23 18.15
C ASN B 83 -8.74 -7.62 17.26
N HIS B 84 -7.52 -7.66 17.79
CA HIS B 84 -6.32 -7.07 17.20
C HIS B 84 -5.13 -7.82 17.76
N VAL B 85 -4.00 -7.80 17.04
CA VAL B 85 -2.75 -8.47 17.44
C VAL B 85 -2.27 -8.13 18.87
N THR B 86 -2.44 -6.88 19.28
CA THR B 86 -2.09 -6.36 20.60
C THR B 86 -3.01 -6.88 21.71
N LEU B 87 -4.09 -7.61 21.34
CA LEU B 87 -5.09 -8.12 22.29
C LEU B 87 -5.02 -9.65 22.33
N SER B 88 -4.70 -10.23 23.51
CA SER B 88 -4.66 -11.67 23.75
C SER B 88 -6.06 -12.23 23.55
N GLN B 89 -7.06 -11.47 24.01
CA GLN B 89 -8.45 -11.85 23.92
C GLN B 89 -9.30 -10.71 23.37
N PRO B 90 -10.41 -11.03 22.65
CA PRO B 90 -11.31 -9.98 22.16
C PRO B 90 -11.81 -9.02 23.25
N LYS B 91 -11.90 -7.72 22.96
CA LYS B 91 -12.40 -6.75 23.92
C LYS B 91 -13.84 -6.39 23.62
N ILE B 92 -14.70 -6.47 24.65
CA ILE B 92 -16.13 -6.11 24.55
C ILE B 92 -16.38 -4.77 25.26
N VAL B 93 -16.97 -3.79 24.54
CA VAL B 93 -17.33 -2.48 25.07
C VAL B 93 -18.85 -2.34 24.91
N LYS B 94 -19.57 -2.23 26.03
CA LYS B 94 -21.03 -2.19 26.00
C LYS B 94 -21.52 -0.80 25.64
N TRP B 95 -22.64 -0.71 24.93
CA TRP B 95 -23.19 0.60 24.62
C TRP B 95 -23.88 1.17 25.89
N ASP B 96 -23.51 2.41 26.23
CA ASP B 96 -24.02 3.19 27.35
C ASP B 96 -24.55 4.49 26.73
N ARG B 97 -25.88 4.72 26.80
CA ARG B 97 -26.55 5.90 26.23
C ARG B 97 -25.99 7.25 26.76
N ASP B 98 -25.39 7.22 27.95
CA ASP B 98 -24.84 8.39 28.65
C ASP B 98 -23.41 8.74 28.26
N MET B 99 -22.81 8.00 27.29
CA MET B 99 -21.44 8.20 26.85
C MET B 99 -21.26 8.15 25.33
N ASP C 6 -18.03 -17.34 1.85
CA ASP C 6 -17.06 -18.15 2.59
C ASP C 6 -15.99 -18.75 1.64
N LYS C 7 -15.19 -17.86 1.02
CA LYS C 7 -14.16 -18.26 0.06
C LYS C 7 -12.77 -18.24 0.71
N PRO C 8 -12.08 -19.40 0.83
CA PRO C 8 -10.71 -19.40 1.37
C PRO C 8 -9.71 -18.75 0.40
N PHE C 9 -8.51 -18.42 0.92
CA PHE C 9 -7.42 -17.89 0.11
C PHE C 9 -6.37 -19.00 -0.05
N LEU C 10 -6.32 -19.60 -1.24
CA LEU C 10 -5.36 -20.66 -1.54
C LEU C 10 -4.11 -20.04 -2.15
N SER C 11 -2.93 -20.40 -1.62
CA SER C 11 -1.63 -19.91 -2.11
C SER C 11 -0.58 -21.00 -2.13
N ALA C 12 0.48 -20.80 -2.95
CA ALA C 12 1.64 -21.69 -3.14
C ALA C 12 2.89 -20.93 -2.73
N TRP C 13 3.77 -21.57 -1.92
CA TRP C 13 4.98 -20.95 -1.38
C TRP C 13 6.29 -21.80 -1.55
N PRO C 14 7.44 -21.21 -1.97
CA PRO C 14 7.69 -19.82 -2.41
C PRO C 14 7.14 -19.45 -3.78
N SER C 15 6.83 -20.44 -4.64
CA SER C 15 6.37 -20.18 -6.00
C SER C 15 5.51 -21.32 -6.56
N ALA C 16 4.51 -20.96 -7.40
CA ALA C 16 3.62 -21.89 -8.09
C ALA C 16 4.30 -22.52 -9.31
N VAL C 17 5.39 -21.86 -9.83
CA VAL C 17 6.22 -22.34 -10.94
C VAL C 17 7.41 -22.98 -10.22
N VAL C 18 7.54 -24.30 -10.30
CA VAL C 18 8.50 -25.01 -9.45
C VAL C 18 9.21 -26.15 -10.20
N PRO C 19 10.54 -26.33 -10.03
CA PRO C 19 11.20 -27.44 -10.74
C PRO C 19 10.86 -28.79 -10.11
N ARG C 20 10.95 -29.84 -10.93
CA ARG C 20 10.84 -31.24 -10.47
C ARG C 20 12.00 -31.41 -9.44
N GLY C 21 11.75 -32.08 -8.33
CA GLY C 21 12.76 -32.22 -7.29
C GLY C 21 12.82 -31.06 -6.32
N GLY C 22 12.15 -29.93 -6.64
CA GLY C 22 12.08 -28.77 -5.78
C GLY C 22 11.05 -28.93 -4.68
N HIS C 23 10.54 -27.81 -4.13
CA HIS C 23 9.52 -27.84 -3.09
C HIS C 23 8.53 -26.68 -3.15
N VAL C 24 7.26 -26.98 -2.87
CA VAL C 24 6.18 -26.00 -2.84
C VAL C 24 5.11 -26.38 -1.80
N THR C 25 4.67 -25.41 -1.04
CA THR C 25 3.66 -25.63 -0.03
C THR C 25 2.35 -24.93 -0.41
N LEU C 26 1.22 -25.68 -0.35
CA LEU C 26 -0.09 -25.10 -0.53
C LEU C 26 -0.66 -24.74 0.85
N ARG C 27 -1.15 -23.50 0.98
CA ARG C 27 -1.77 -23.00 2.20
C ARG C 27 -3.19 -22.60 1.90
N CYS C 28 -4.07 -22.89 2.84
CA CYS C 28 -5.47 -22.57 2.71
C CYS C 28 -5.82 -21.69 3.88
N HIS C 29 -6.00 -20.37 3.61
CA HIS C 29 -6.34 -19.41 4.62
C HIS C 29 -7.85 -19.21 4.69
N TYR C 30 -8.44 -19.67 5.79
CA TYR C 30 -9.89 -19.59 5.96
C TYR C 30 -10.27 -19.30 7.38
N ARG C 31 -11.18 -18.32 7.53
CA ARG C 31 -11.74 -17.85 8.81
C ARG C 31 -10.64 -17.57 9.85
N HIS C 32 -9.79 -16.58 9.50
CA HIS C 32 -8.66 -16.01 10.26
C HIS C 32 -7.64 -17.05 10.74
N ARG C 33 -7.44 -18.13 9.95
CA ARG C 33 -6.53 -19.26 10.23
C ARG C 33 -6.07 -20.03 8.99
N PHE C 34 -4.88 -20.67 9.09
CA PHE C 34 -4.36 -21.59 8.09
C PHE C 34 -4.87 -22.95 8.58
N ASN C 35 -6.21 -23.05 8.65
CA ASN C 35 -6.96 -24.19 9.18
C ASN C 35 -7.07 -25.34 8.20
N ASN C 36 -7.71 -26.43 8.68
CA ASN C 36 -8.01 -27.68 8.00
C ASN C 36 -8.70 -27.46 6.66
N PHE C 37 -8.37 -28.27 5.65
CA PHE C 37 -8.94 -28.13 4.32
C PHE C 37 -8.81 -29.42 3.52
N MET C 38 -9.61 -29.53 2.45
CA MET C 38 -9.50 -30.61 1.46
C MET C 38 -9.08 -29.94 0.13
N LEU C 39 -8.33 -30.66 -0.74
CA LEU C 39 -7.88 -30.16 -2.05
C LEU C 39 -8.62 -30.83 -3.19
N TYR C 40 -8.88 -30.08 -4.27
CA TYR C 40 -9.64 -30.51 -5.44
C TYR C 40 -8.92 -30.09 -6.73
N LYS C 41 -9.00 -30.93 -7.78
CA LYS C 41 -8.37 -30.67 -9.09
C LYS C 41 -9.43 -30.30 -10.13
N GLU C 42 -9.08 -29.43 -11.09
CA GLU C 42 -10.02 -28.98 -12.12
C GLU C 42 -10.47 -30.13 -13.02
N ARG C 44 -14.04 -30.78 -10.89
CA ARG C 44 -14.16 -31.89 -9.95
C ARG C 44 -14.25 -31.33 -8.53
N ILE C 45 -15.12 -30.33 -8.41
CA ILE C 45 -15.53 -29.50 -7.29
C ILE C 45 -16.04 -30.30 -6.04
N HIS C 46 -16.30 -31.61 -6.20
CA HIS C 46 -16.80 -32.46 -5.11
C HIS C 46 -16.02 -33.77 -4.89
N ILE C 47 -14.86 -33.94 -5.58
CA ILE C 47 -13.99 -35.11 -5.45
C ILE C 47 -12.65 -34.75 -4.75
N PRO C 48 -12.58 -34.84 -3.40
CA PRO C 48 -11.31 -34.50 -2.72
C PRO C 48 -10.19 -35.49 -3.02
N ILE C 49 -9.02 -34.95 -3.39
CA ILE C 49 -7.84 -35.74 -3.75
C ILE C 49 -7.25 -36.48 -2.54
N PHE C 50 -6.41 -37.50 -2.80
CA PHE C 50 -5.77 -38.36 -1.78
C PHE C 50 -6.83 -39.02 -0.87
N HIS C 51 -7.89 -39.52 -1.51
CA HIS C 51 -9.07 -40.17 -0.91
C HIS C 51 -9.68 -39.42 0.28
N GLY C 52 -9.96 -38.14 0.04
CA GLY C 52 -10.57 -37.24 1.01
C GLY C 52 -9.69 -36.88 2.18
N ARG C 53 -8.39 -36.72 1.94
CA ARG C 53 -7.41 -36.31 2.94
C ARG C 53 -7.73 -34.89 3.43
N ILE C 54 -7.74 -34.71 4.77
CA ILE C 54 -7.98 -33.46 5.47
C ILE C 54 -6.63 -32.99 5.94
N PHE C 55 -6.12 -31.91 5.32
CA PHE C 55 -4.80 -31.38 5.67
C PHE C 55 -4.92 -30.61 6.97
N GLN C 56 -4.20 -31.07 8.00
CA GLN C 56 -4.23 -30.50 9.35
C GLN C 56 -3.41 -29.24 9.45
N GLU C 57 -2.57 -29.03 8.42
CA GLU C 57 -1.65 -27.92 8.26
C GLU C 57 -1.42 -27.68 6.75
N SER C 58 -0.47 -26.80 6.40
CA SER C 58 -0.10 -26.53 5.02
C SER C 58 0.39 -27.85 4.36
N PHE C 59 0.06 -28.08 3.07
CA PHE C 59 0.49 -29.29 2.37
C PHE C 59 1.80 -29.07 1.61
N ASN C 60 2.88 -29.64 2.13
CA ASN C 60 4.23 -29.52 1.59
C ASN C 60 4.54 -30.65 0.58
N MET C 61 4.73 -30.27 -0.68
CA MET C 61 5.05 -31.20 -1.77
C MET C 61 6.54 -31.10 -1.94
N SER C 62 7.25 -32.15 -1.51
CA SER C 62 8.71 -32.19 -1.53
C SER C 62 9.20 -33.65 -1.44
N PRO C 63 10.11 -34.12 -2.33
CA PRO C 63 10.60 -33.44 -3.56
C PRO C 63 9.43 -33.32 -4.57
N VAL C 64 9.36 -32.26 -5.37
CA VAL C 64 8.28 -32.09 -6.36
C VAL C 64 8.44 -33.09 -7.53
N THR C 65 7.33 -33.74 -7.95
CA THR C 65 7.26 -34.67 -9.07
C THR C 65 6.21 -34.12 -10.04
N THR C 66 6.16 -34.68 -11.29
CA THR C 66 5.18 -34.30 -12.33
C THR C 66 3.74 -34.56 -11.88
N ALA C 67 3.53 -35.52 -10.91
CA ALA C 67 2.21 -35.86 -10.36
C ALA C 67 1.60 -34.71 -9.57
N HIS C 68 2.45 -33.80 -9.02
CA HIS C 68 2.01 -32.61 -8.29
C HIS C 68 1.47 -31.48 -9.22
N ALA C 69 1.85 -31.45 -10.51
CA ALA C 69 1.42 -30.41 -11.46
C ALA C 69 -0.09 -30.47 -11.65
N GLY C 70 -0.73 -29.31 -11.67
CA GLY C 70 -2.17 -29.28 -11.78
C GLY C 70 -2.86 -28.03 -11.26
N ASN C 71 -4.17 -28.00 -11.49
CA ASN C 71 -5.08 -26.91 -11.19
C ASN C 71 -5.85 -27.19 -9.90
N TYR C 72 -5.47 -26.51 -8.80
CA TYR C 72 -6.05 -26.73 -7.47
C TYR C 72 -6.95 -25.65 -6.92
N THR C 73 -7.98 -26.09 -6.18
CA THR C 73 -8.85 -25.27 -5.32
C THR C 73 -8.93 -26.01 -3.99
N CYS C 74 -9.18 -25.26 -2.93
CA CYS C 74 -9.33 -25.83 -1.61
C CYS C 74 -10.70 -25.49 -1.04
N ARG C 75 -11.10 -26.21 0.00
CA ARG C 75 -12.34 -25.97 0.75
C ARG C 75 -11.93 -26.07 2.21
N GLY C 76 -12.17 -25.00 2.95
CA GLY C 76 -11.85 -24.95 4.36
C GLY C 76 -12.96 -25.55 5.21
N SER C 77 -12.60 -26.09 6.38
CA SER C 77 -13.55 -26.67 7.33
C SER C 77 -14.53 -25.63 7.90
N HIS C 78 -15.83 -25.81 7.56
CA HIS C 78 -16.93 -24.94 7.97
C HIS C 78 -17.95 -25.82 8.76
N PRO C 79 -17.67 -26.09 10.07
CA PRO C 79 -18.49 -27.04 10.85
C PRO C 79 -20.01 -26.96 10.88
N HIS C 80 -20.59 -25.84 11.36
CA HIS C 80 -22.04 -25.76 11.52
C HIS C 80 -22.89 -25.39 10.31
N SER C 81 -22.23 -25.22 9.14
CA SER C 81 -22.89 -24.93 7.86
C SER C 81 -23.54 -26.24 7.35
N PRO C 82 -24.55 -26.22 6.43
CA PRO C 82 -25.14 -27.48 5.94
C PRO C 82 -24.08 -28.52 5.62
N THR C 83 -23.09 -28.11 4.81
CA THR C 83 -21.92 -28.93 4.49
C THR C 83 -20.87 -28.54 5.51
N GLY C 84 -20.06 -29.51 5.91
CA GLY C 84 -18.97 -29.24 6.86
C GLY C 84 -17.78 -28.53 6.22
N TRP C 85 -17.97 -27.96 4.99
CA TRP C 85 -16.91 -27.31 4.20
C TRP C 85 -17.35 -26.01 3.49
N SER C 86 -16.38 -25.08 3.30
CA SER C 86 -16.59 -23.78 2.65
C SER C 86 -16.83 -23.89 1.15
N ALA C 87 -17.06 -22.71 0.53
CA ALA C 87 -17.19 -22.56 -0.91
C ALA C 87 -15.77 -22.81 -1.50
N PRO C 88 -15.61 -23.02 -2.83
CA PRO C 88 -14.25 -23.26 -3.35
C PRO C 88 -13.39 -22.00 -3.31
N SER C 89 -12.08 -22.15 -3.09
CA SER C 89 -11.15 -21.02 -3.05
C SER C 89 -10.86 -20.52 -4.47
N ASN C 90 -9.91 -19.59 -4.57
CA ASN C 90 -9.39 -19.10 -5.84
C ASN C 90 -8.56 -20.28 -6.41
N PRO C 91 -8.50 -20.46 -7.74
CA PRO C 91 -7.67 -21.57 -8.26
C PRO C 91 -6.16 -21.27 -8.28
N VAL C 92 -5.31 -22.25 -7.90
CA VAL C 92 -3.84 -22.11 -7.95
C VAL C 92 -3.31 -23.22 -8.87
N VAL C 93 -2.65 -22.83 -9.97
CA VAL C 93 -2.08 -23.75 -10.96
C VAL C 93 -0.59 -24.03 -10.63
N ILE C 94 -0.27 -25.27 -10.20
CA ILE C 94 1.12 -25.63 -9.93
C ILE C 94 1.72 -26.07 -11.26
N MET C 95 2.80 -25.38 -11.69
CA MET C 95 3.49 -25.71 -12.93
C MET C 95 4.83 -26.31 -12.57
N VAL C 96 5.08 -27.53 -13.03
CA VAL C 96 6.29 -28.29 -12.71
C VAL C 96 7.24 -28.24 -13.90
N THR C 97 8.42 -27.65 -13.70
CA THR C 97 9.45 -27.46 -14.73
C THR C 97 10.47 -28.61 -14.84
N GLY C 98 11.28 -28.59 -15.90
CA GLY C 98 12.34 -29.57 -16.15
C GLY C 98 11.88 -30.83 -16.85
N ASN C 99 10.89 -30.75 -17.80
CA ASN C 99 10.33 -31.92 -18.49
C ASN C 99 10.66 -32.07 -19.99
N HIS C 100 11.21 -31.02 -20.62
CA HIS C 100 11.58 -31.06 -22.04
C HIS C 100 12.85 -30.21 -22.20
N ARG C 101 13.51 -30.32 -23.36
CA ARG C 101 14.66 -29.48 -23.66
C ARG C 101 14.20 -28.01 -23.56
N LYS C 102 15.09 -27.18 -23.02
CA LYS C 102 14.77 -25.75 -22.81
C LYS C 102 14.55 -24.95 -24.12
N PRO C 103 13.68 -23.93 -24.16
CA PRO C 103 13.59 -23.08 -25.38
C PRO C 103 14.64 -21.97 -25.28
N SER C 104 14.68 -21.06 -26.26
CA SER C 104 15.60 -19.92 -26.21
C SER C 104 14.83 -18.65 -25.97
N LEU C 105 15.43 -17.70 -25.25
CA LEU C 105 14.81 -16.42 -24.95
C LEU C 105 15.71 -15.23 -25.38
N LEU C 106 15.15 -14.29 -26.18
CA LEU C 106 15.85 -13.08 -26.63
C LEU C 106 15.04 -11.78 -26.50
N ALA C 107 15.73 -10.66 -26.17
CA ALA C 107 15.10 -9.35 -26.03
C ALA C 107 15.26 -8.57 -27.32
N HIS C 108 14.18 -7.91 -27.80
CA HIS C 108 14.21 -7.09 -29.03
C HIS C 108 13.80 -5.66 -28.68
N PRO C 109 14.64 -4.63 -28.89
CA PRO C 109 15.99 -4.66 -29.52
C PRO C 109 17.15 -5.05 -28.61
N GLY C 110 16.90 -5.24 -27.31
CA GLY C 110 17.96 -5.59 -26.36
C GLY C 110 17.52 -5.60 -24.91
N PRO C 111 18.37 -6.04 -23.95
CA PRO C 111 17.91 -6.14 -22.56
C PRO C 111 17.87 -4.85 -21.73
N LEU C 112 18.50 -3.77 -22.23
CA LEU C 112 18.50 -2.47 -21.57
C LEU C 112 17.33 -1.67 -22.13
N VAL C 113 16.37 -1.36 -21.26
CA VAL C 113 15.14 -0.67 -21.64
C VAL C 113 14.96 0.67 -20.95
N LYS C 114 14.79 1.72 -21.75
CA LYS C 114 14.55 3.07 -21.26
C LYS C 114 13.21 3.09 -20.52
N SER C 115 13.20 3.74 -19.35
CA SER C 115 12.01 3.92 -18.50
C SER C 115 10.88 4.51 -19.36
N GLY C 116 9.69 3.92 -19.27
CA GLY C 116 8.53 4.35 -20.02
C GLY C 116 8.36 3.65 -21.35
N GLU C 117 9.42 3.02 -21.87
CA GLU C 117 9.39 2.32 -23.16
C GLU C 117 8.98 0.83 -23.11
N ARG C 118 9.03 0.15 -24.27
CA ARG C 118 8.60 -1.23 -24.49
C ARG C 118 9.71 -2.12 -25.03
N VAL C 119 9.63 -3.43 -24.70
CA VAL C 119 10.59 -4.44 -25.16
C VAL C 119 9.80 -5.72 -25.53
N ILE C 120 10.28 -6.44 -26.53
CA ILE C 120 9.72 -7.73 -26.96
C ILE C 120 10.64 -8.85 -26.42
N LEU C 121 10.08 -9.79 -25.67
CA LEU C 121 10.84 -10.94 -25.22
C LEU C 121 10.40 -12.10 -26.13
N GLN C 122 11.29 -12.56 -27.00
CA GLN C 122 10.95 -13.63 -27.94
C GLN C 122 11.40 -15.00 -27.42
N CYS C 123 10.43 -15.90 -27.32
CA CYS C 123 10.65 -17.26 -26.91
C CYS C 123 10.54 -18.14 -28.16
N TRP C 124 11.53 -19.02 -28.40
CA TRP C 124 11.52 -19.91 -29.57
C TRP C 124 12.17 -21.26 -29.29
N SER C 125 11.77 -22.27 -30.10
CA SER C 125 12.27 -23.64 -30.00
C SER C 125 12.10 -24.43 -31.29
N ASP C 126 12.97 -25.42 -31.50
CA ASP C 126 12.89 -26.41 -32.60
C ASP C 126 11.77 -27.40 -32.27
N ILE C 127 11.49 -27.62 -30.96
CA ILE C 127 10.41 -28.49 -30.46
C ILE C 127 9.09 -27.77 -30.70
N MET C 128 8.06 -28.53 -31.08
CA MET C 128 6.76 -27.94 -31.32
C MET C 128 6.02 -27.85 -30.00
N PHE C 129 6.13 -26.68 -29.33
CA PHE C 129 5.45 -26.43 -28.05
C PHE C 129 4.08 -25.81 -28.35
N GLU C 130 3.04 -26.21 -27.61
CA GLU C 130 1.69 -25.70 -27.77
C GLU C 130 1.56 -24.25 -27.23
N HIS C 131 2.14 -24.04 -26.04
CA HIS C 131 2.14 -22.77 -25.34
C HIS C 131 3.55 -22.42 -24.90
N PHE C 132 3.79 -21.14 -24.64
CA PHE C 132 5.02 -20.60 -24.07
C PHE C 132 4.65 -19.82 -22.80
N PHE C 133 5.49 -19.94 -21.76
CA PHE C 133 5.32 -19.26 -20.49
C PHE C 133 6.49 -18.33 -20.22
N LEU C 134 6.23 -17.07 -19.85
CA LEU C 134 7.28 -16.09 -19.49
C LEU C 134 7.18 -15.81 -17.98
N HIS C 135 8.28 -15.98 -17.25
CA HIS C 135 8.25 -15.87 -15.79
C HIS C 135 9.43 -15.05 -15.26
N LYS C 136 9.11 -13.99 -14.49
CA LYS C 136 10.12 -13.17 -13.85
C LYS C 136 10.50 -13.83 -12.52
N GLU C 137 11.80 -13.94 -12.27
CA GLU C 137 12.34 -14.50 -11.05
C GLU C 137 11.86 -13.68 -9.82
N GLY C 138 11.48 -14.39 -8.76
CA GLY C 138 11.01 -13.76 -7.53
C GLY C 138 10.06 -14.63 -6.72
N ILE C 139 9.64 -14.12 -5.57
CA ILE C 139 8.66 -14.83 -4.72
C ILE C 139 7.23 -14.46 -5.16
N SER C 140 6.35 -15.49 -5.29
CA SER C 140 4.93 -15.37 -5.68
C SER C 140 4.71 -14.56 -6.98
N LYS C 141 5.45 -14.93 -8.05
CA LYS C 141 5.36 -14.28 -9.36
C LYS C 141 4.51 -15.15 -10.27
N ASP C 142 3.54 -14.54 -10.99
CA ASP C 142 2.63 -15.21 -11.92
C ASP C 142 3.22 -15.21 -13.35
N PRO C 143 3.28 -16.36 -14.07
CA PRO C 143 3.83 -16.33 -15.41
C PRO C 143 2.77 -15.85 -16.41
N SER C 144 3.19 -15.42 -17.61
CA SER C 144 2.28 -15.01 -18.68
C SER C 144 2.28 -16.17 -19.68
N ARG C 145 1.17 -16.35 -20.40
CA ARG C 145 1.11 -17.43 -21.39
C ARG C 145 0.71 -16.92 -22.75
N LEU C 146 1.27 -17.52 -23.83
CA LEU C 146 0.94 -17.24 -25.22
C LEU C 146 0.93 -18.56 -26.00
N VAL C 147 0.06 -18.68 -27.01
CA VAL C 147 0.09 -19.87 -27.87
C VAL C 147 1.38 -19.82 -28.70
N GLY C 148 1.93 -21.00 -28.98
CA GLY C 148 3.11 -21.08 -29.81
C GLY C 148 2.71 -20.96 -31.27
N GLN C 149 3.28 -19.97 -31.97
CA GLN C 149 3.09 -19.75 -33.40
C GLN C 149 4.04 -20.69 -34.15
N ILE C 150 3.67 -21.13 -35.36
CA ILE C 150 4.49 -22.08 -36.14
C ILE C 150 4.90 -21.53 -37.52
N HIS C 151 6.22 -21.47 -37.78
CA HIS C 151 6.77 -21.02 -39.06
C HIS C 151 8.16 -21.57 -39.35
N ASP C 152 8.29 -22.31 -40.47
CA ASP C 152 9.54 -22.91 -40.98
C ASP C 152 10.27 -23.81 -39.98
N GLY C 153 9.53 -24.73 -39.37
CA GLY C 153 10.05 -25.70 -38.41
C GLY C 153 10.37 -25.19 -37.02
N VAL C 154 9.90 -23.98 -36.67
CA VAL C 154 10.12 -23.44 -35.33
C VAL C 154 8.82 -23.01 -34.67
N SER C 155 8.74 -23.21 -33.34
CA SER C 155 7.58 -22.69 -32.62
C SER C 155 8.07 -21.46 -31.81
N LYS C 156 7.28 -20.37 -31.78
CA LYS C 156 7.67 -19.12 -31.13
C LYS C 156 6.49 -18.29 -30.59
N ALA C 157 6.80 -17.34 -29.69
CA ALA C 157 5.87 -16.40 -29.08
C ALA C 157 6.60 -15.11 -28.72
N ASN C 158 5.89 -13.98 -28.88
CA ASN C 158 6.42 -12.65 -28.63
C ASN C 158 5.74 -12.01 -27.42
N PHE C 159 6.44 -11.90 -26.30
CA PHE C 159 5.87 -11.29 -25.10
C PHE C 159 6.27 -9.82 -25.13
N SER C 160 5.27 -8.93 -25.15
CA SER C 160 5.44 -7.48 -25.09
C SER C 160 5.41 -7.05 -23.61
N ILE C 161 6.48 -6.40 -23.14
CA ILE C 161 6.64 -5.92 -21.75
C ILE C 161 6.74 -4.38 -21.81
N GLY C 162 5.97 -3.69 -20.96
CA GLY C 162 5.96 -2.23 -20.92
C GLY C 162 4.64 -1.61 -20.49
N PRO C 163 4.57 -0.32 -20.06
CA PRO C 163 5.65 0.70 -19.94
C PRO C 163 6.71 0.29 -18.92
N MET C 164 7.97 0.33 -19.33
CA MET C 164 9.08 -0.08 -18.47
C MET C 164 9.18 0.74 -17.18
N MET C 165 9.27 0.02 -16.05
CA MET C 165 9.40 0.51 -14.69
C MET C 165 10.08 -0.58 -13.87
N LEU C 166 10.43 -0.29 -12.60
CA LEU C 166 11.13 -1.24 -11.73
C LEU C 166 10.35 -2.58 -11.51
N ALA C 167 9.02 -2.51 -11.45
CA ALA C 167 8.16 -3.70 -11.30
C ALA C 167 8.35 -4.73 -12.43
N LEU C 168 8.79 -4.27 -13.63
CA LEU C 168 9.00 -5.12 -14.81
C LEU C 168 10.44 -5.50 -15.05
N ALA C 169 11.36 -4.91 -14.27
CA ALA C 169 12.81 -5.15 -14.38
C ALA C 169 13.17 -6.37 -13.57
N GLY C 170 14.14 -7.17 -14.02
CA GLY C 170 14.55 -8.37 -13.31
C GLY C 170 15.03 -9.48 -14.21
N THR C 171 15.15 -10.68 -13.64
CA THR C 171 15.61 -11.86 -14.39
C THR C 171 14.41 -12.60 -14.93
N TYR C 172 14.40 -12.85 -16.25
CA TYR C 172 13.31 -13.55 -16.89
C TYR C 172 13.79 -14.87 -17.44
N ARG C 173 12.89 -15.87 -17.39
CA ARG C 173 13.09 -17.21 -17.96
C ARG C 173 11.82 -17.58 -18.71
N CYS C 174 11.94 -18.36 -19.77
CA CYS C 174 10.79 -18.83 -20.52
C CYS C 174 10.81 -20.36 -20.66
N TYR C 175 9.60 -20.92 -20.82
CA TYR C 175 9.29 -22.34 -20.82
C TYR C 175 8.30 -22.68 -21.92
N GLY C 176 8.37 -23.90 -22.41
CA GLY C 176 7.37 -24.42 -23.33
C GLY C 176 6.61 -25.57 -22.65
N SER C 177 5.41 -25.81 -23.10
CA SER C 177 4.59 -26.93 -22.68
C SER C 177 4.06 -27.64 -23.96
N VAL C 178 3.94 -28.96 -23.92
CA VAL C 178 3.35 -29.75 -24.99
C VAL C 178 1.86 -30.12 -24.75
N THR C 179 1.14 -30.36 -25.83
CA THR C 179 -0.32 -30.49 -25.85
C THR C 179 -1.04 -31.22 -24.70
N HIS C 180 -0.62 -32.40 -24.35
CA HIS C 180 -1.39 -33.20 -23.42
C HIS C 180 -0.96 -33.07 -21.95
N THR C 181 0.01 -32.25 -21.73
CA THR C 181 0.58 -32.01 -20.41
C THR C 181 0.75 -30.50 -20.17
N PRO C 182 -0.35 -29.75 -20.20
CA PRO C 182 -0.31 -28.29 -19.98
C PRO C 182 0.35 -27.75 -18.71
N TYR C 183 0.36 -28.53 -17.63
CA TYR C 183 0.96 -28.06 -16.35
C TYR C 183 2.40 -28.52 -16.19
N GLN C 184 2.90 -29.22 -17.21
CA GLN C 184 4.27 -29.73 -17.29
C GLN C 184 5.03 -28.84 -18.25
N LEU C 185 6.02 -28.13 -17.71
CA LEU C 185 6.81 -27.18 -18.48
C LEU C 185 8.19 -27.75 -18.82
N SER C 186 8.84 -27.19 -19.85
CA SER C 186 10.18 -27.60 -20.24
C SER C 186 11.14 -27.20 -19.12
N ALA C 187 12.42 -27.43 -19.37
CA ALA C 187 13.48 -26.91 -18.55
C ALA C 187 13.49 -25.39 -18.89
N PRO C 188 13.89 -24.49 -17.95
CA PRO C 188 13.86 -23.06 -18.28
C PRO C 188 14.93 -22.67 -19.30
N SER C 189 14.63 -21.63 -20.11
CA SER C 189 15.60 -21.08 -21.06
C SER C 189 16.74 -20.44 -20.23
N ASP C 190 17.87 -20.09 -20.89
CA ASP C 190 18.96 -19.35 -20.25
C ASP C 190 18.35 -18.04 -19.73
N PRO C 191 18.77 -17.54 -18.55
CA PRO C 191 18.12 -16.35 -17.98
C PRO C 191 18.40 -15.07 -18.76
N LEU C 192 17.46 -14.14 -18.74
CA LEU C 192 17.67 -12.83 -19.39
C LEU C 192 17.47 -11.73 -18.37
N ASP C 193 18.48 -10.86 -18.19
CA ASP C 193 18.33 -9.76 -17.24
C ASP C 193 17.78 -8.53 -17.97
N ILE C 194 16.55 -8.11 -17.61
CA ILE C 194 15.95 -6.93 -18.21
C ILE C 194 16.17 -5.73 -17.26
N VAL C 195 16.96 -4.76 -17.72
CA VAL C 195 17.30 -3.61 -16.92
C VAL C 195 16.56 -2.37 -17.38
N VAL C 196 16.00 -1.60 -16.44
CA VAL C 196 15.36 -0.31 -16.69
C VAL C 196 16.42 0.80 -16.54
N THR C 197 16.58 1.65 -17.57
CA THR C 197 17.52 2.77 -17.56
C THR C 197 16.79 4.11 -17.44
N GLY C 198 17.28 4.95 -16.53
CA GLY C 198 16.71 6.26 -16.24
C GLY C 198 15.63 6.26 -15.17
N PRO C 199 15.13 7.45 -14.75
CA PRO C 199 15.46 8.80 -15.22
C PRO C 199 16.69 9.39 -14.53
N TYR C 200 17.35 8.59 -13.66
CA TYR C 200 18.56 9.00 -12.94
C TYR C 200 19.57 9.57 -13.92
N GLU C 201 20.14 10.71 -13.57
CA GLU C 201 21.09 11.46 -14.42
C GLU C 201 22.29 10.67 -14.87
N LYS C 202 22.57 10.74 -16.18
CA LYS C 202 23.67 10.00 -16.78
C LYS C 202 25.02 10.32 -16.14
N PRO C 203 25.93 9.35 -15.94
CA PRO C 203 27.25 9.69 -15.39
C PRO C 203 28.15 10.27 -16.49
N SER C 204 29.40 10.61 -16.13
CA SER C 204 30.41 11.10 -17.08
C SER C 204 31.45 9.99 -17.24
N LEU C 205 31.83 9.64 -18.48
CA LEU C 205 32.83 8.59 -18.73
C LEU C 205 34.08 9.16 -19.35
N SER C 206 35.26 8.94 -18.73
CA SER C 206 36.56 9.43 -19.23
C SER C 206 37.63 8.36 -19.19
N ALA C 207 38.70 8.54 -19.97
CA ALA C 207 39.82 7.60 -20.00
C ALA C 207 41.11 8.22 -19.44
N GLN C 208 41.89 7.43 -18.70
CA GLN C 208 43.18 7.86 -18.17
C GLN C 208 44.31 6.96 -18.64
N PRO C 209 45.39 7.53 -19.24
CA PRO C 209 45.62 8.97 -19.51
C PRO C 209 44.75 9.53 -20.64
N GLY C 210 44.16 8.65 -21.44
CA GLY C 210 43.28 9.02 -22.54
C GLY C 210 42.79 7.78 -23.29
N PRO C 211 41.96 7.96 -24.36
CA PRO C 211 41.39 6.79 -25.06
C PRO C 211 42.28 6.16 -26.14
N LYS C 212 43.42 6.78 -26.45
CA LYS C 212 44.37 6.30 -27.46
C LYS C 212 45.51 5.55 -26.73
N VAL C 213 45.65 4.26 -26.99
CA VAL C 213 46.70 3.48 -26.34
C VAL C 213 47.27 2.40 -27.26
N GLN C 214 48.52 2.03 -27.03
CA GLN C 214 49.08 0.92 -27.79
C GLN C 214 49.50 -0.15 -26.78
N ALA C 215 49.75 -1.39 -27.26
CA ALA C 215 50.10 -2.55 -26.43
C ALA C 215 51.18 -2.24 -25.39
N GLY C 216 51.01 -2.83 -24.21
CA GLY C 216 51.92 -2.68 -23.08
C GLY C 216 51.67 -1.45 -22.22
N GLU C 217 50.77 -0.56 -22.69
CA GLU C 217 50.42 0.66 -21.96
C GLU C 217 49.06 0.48 -21.29
N SER C 218 48.93 0.95 -20.04
CA SER C 218 47.66 0.84 -19.34
C SER C 218 46.65 1.95 -19.75
N VAL C 219 45.36 1.62 -19.63
CA VAL C 219 44.22 2.50 -19.81
C VAL C 219 43.16 2.16 -18.73
N THR C 220 42.71 3.21 -18.01
CA THR C 220 41.69 3.13 -16.97
C THR C 220 40.48 3.99 -17.42
N LEU C 221 39.26 3.44 -17.30
CA LEU C 221 38.02 4.17 -17.63
C LEU C 221 37.37 4.63 -16.34
N SER C 222 37.20 5.96 -16.21
CA SER C 222 36.63 6.59 -15.03
C SER C 222 35.16 6.97 -15.26
N CYS C 223 34.31 6.45 -14.39
CA CYS C 223 32.89 6.74 -14.37
C CYS C 223 32.58 7.69 -13.20
N SER C 224 31.99 8.87 -13.47
CA SER C 224 31.78 9.90 -12.44
C SER C 224 30.44 10.66 -12.49
N SER C 225 29.96 11.07 -11.32
CA SER C 225 28.70 11.83 -11.20
C SER C 225 28.68 12.56 -9.88
N ARG C 226 27.88 13.65 -9.78
CA ARG C 226 27.62 14.40 -8.56
C ARG C 226 26.46 13.70 -7.77
N SER C 227 25.69 12.83 -8.46
CA SER C 227 24.63 12.00 -7.87
C SER C 227 25.29 10.88 -7.10
N SER C 228 24.74 10.56 -5.92
CA SER C 228 25.27 9.54 -5.02
C SER C 228 24.97 8.11 -5.42
N TYR C 229 25.58 7.63 -6.53
CA TYR C 229 25.44 6.23 -6.95
C TYR C 229 26.28 5.34 -6.03
N ASP C 230 25.83 4.11 -5.77
CA ASP C 230 26.62 3.21 -4.92
C ASP C 230 27.54 2.32 -5.78
N MET C 231 27.16 2.13 -7.04
CA MET C 231 27.90 1.26 -7.96
C MET C 231 27.89 1.82 -9.36
N TYR C 232 28.89 1.43 -10.17
CA TYR C 232 29.00 1.78 -11.58
C TYR C 232 29.10 0.50 -12.43
N HIS C 233 28.51 0.54 -13.63
CA HIS C 233 28.45 -0.56 -14.59
C HIS C 233 29.10 -0.12 -15.86
N LEU C 234 30.13 -0.85 -16.29
CA LEU C 234 30.83 -0.52 -17.51
C LEU C 234 30.42 -1.53 -18.57
N SER C 235 29.87 -1.04 -19.67
CA SER C 235 29.32 -1.80 -20.79
C SER C 235 30.10 -1.49 -22.08
N ARG C 236 30.53 -2.53 -22.81
CA ARG C 236 31.25 -2.40 -24.09
C ARG C 236 30.30 -2.79 -25.22
N GLU C 237 30.19 -1.94 -26.30
CA GLU C 237 29.30 -2.17 -27.46
C GLU C 237 29.55 -3.57 -28.03
N GLY C 238 28.50 -4.39 -28.00
CA GLY C 238 28.55 -5.80 -28.32
C GLY C 238 28.91 -6.53 -27.03
N GLY C 239 28.04 -6.32 -26.03
CA GLY C 239 28.18 -6.81 -24.66
C GLY C 239 28.49 -8.27 -24.46
N ALA C 240 29.76 -8.58 -24.09
CA ALA C 240 30.22 -9.93 -23.78
C ALA C 240 29.90 -10.19 -22.30
N HIS C 241 30.10 -9.14 -21.45
CA HIS C 241 29.82 -9.08 -20.01
C HIS C 241 30.07 -7.67 -19.46
N GLU C 242 29.10 -7.15 -18.68
CA GLU C 242 29.21 -5.84 -18.02
C GLU C 242 30.09 -6.01 -16.77
N ARG C 243 30.95 -5.02 -16.50
CA ARG C 243 31.81 -4.98 -15.31
C ARG C 243 31.19 -4.02 -14.29
N ARG C 244 31.36 -4.29 -12.98
CA ARG C 244 30.80 -3.43 -11.95
C ARG C 244 31.76 -3.21 -10.78
N LEU C 245 31.77 -1.97 -10.27
CA LEU C 245 32.64 -1.54 -9.18
C LEU C 245 31.95 -0.55 -8.21
N PRO C 246 32.30 -0.56 -6.90
CA PRO C 246 31.69 0.42 -5.99
C PRO C 246 32.13 1.85 -6.28
N ALA C 247 31.25 2.81 -6.01
CA ALA C 247 31.55 4.22 -6.22
C ALA C 247 32.22 4.74 -4.95
N VAL C 248 33.18 5.68 -5.11
CA VAL C 248 33.93 6.27 -3.99
C VAL C 248 33.79 7.78 -4.10
N ARG C 249 33.42 8.44 -2.99
CA ARG C 249 33.26 9.89 -2.93
C ARG C 249 34.62 10.56 -2.92
N LYS C 250 34.76 11.57 -3.76
CA LYS C 250 35.97 12.36 -3.91
C LYS C 250 35.89 13.68 -3.14
N VAL C 251 37.02 14.42 -3.10
CA VAL C 251 37.17 15.70 -2.39
C VAL C 251 36.17 16.75 -2.89
N ASN C 252 35.92 16.75 -4.21
CA ASN C 252 35.02 17.69 -4.88
C ASN C 252 33.57 17.20 -4.90
N ARG C 253 33.25 16.18 -4.08
CA ARG C 253 31.90 15.64 -3.90
C ARG C 253 31.36 14.81 -5.06
N THR C 254 32.24 14.31 -5.95
CA THR C 254 31.84 13.43 -7.06
C THR C 254 31.95 11.99 -6.60
N PHE C 255 31.14 11.10 -7.18
CA PHE C 255 31.14 9.67 -6.84
C PHE C 255 31.71 8.98 -8.07
N GLN C 256 32.81 8.28 -7.89
CA GLN C 256 33.58 7.74 -8.97
C GLN C 256 34.03 6.29 -8.80
N ALA C 257 34.23 5.58 -9.93
CA ALA C 257 34.82 4.24 -10.01
C ALA C 257 35.80 4.19 -11.18
N ASP C 258 36.95 3.56 -10.94
CA ASP C 258 38.05 3.38 -11.90
C ASP C 258 38.12 1.94 -12.35
N PHE C 259 37.87 1.70 -13.63
CA PHE C 259 37.89 0.39 -14.23
C PHE C 259 39.23 0.20 -15.00
N PRO C 260 40.22 -0.53 -14.43
CA PRO C 260 41.49 -0.72 -15.16
C PRO C 260 41.26 -1.69 -16.32
N LEU C 261 41.64 -1.31 -17.53
CA LEU C 261 41.48 -2.30 -18.60
C LEU C 261 42.70 -3.23 -18.50
N GLY C 262 42.46 -4.53 -18.60
CA GLY C 262 43.49 -5.54 -18.42
C GLY C 262 44.58 -5.54 -19.48
N PRO C 263 45.45 -6.59 -19.50
CA PRO C 263 46.49 -6.65 -20.56
C PRO C 263 45.88 -7.05 -21.89
N ALA C 264 46.45 -6.53 -22.99
CA ALA C 264 46.03 -6.79 -24.37
C ALA C 264 44.50 -6.64 -24.59
N THR C 265 43.94 -5.50 -24.17
CA THR C 265 42.52 -5.17 -24.35
C THR C 265 42.29 -4.80 -25.82
N HIS C 266 41.19 -5.29 -26.41
CA HIS C 266 40.85 -4.99 -27.81
C HIS C 266 40.33 -3.56 -28.00
N GLY C 267 39.74 -2.98 -26.95
CA GLY C 267 39.13 -1.66 -26.99
C GLY C 267 37.72 -1.73 -27.53
N GLY C 268 37.24 -0.62 -28.11
CA GLY C 268 35.89 -0.52 -28.65
C GLY C 268 35.11 0.66 -28.09
N THR C 269 33.76 0.59 -28.13
CA THR C 269 32.89 1.68 -27.66
C THR C 269 32.33 1.36 -26.27
N TYR C 270 32.54 2.26 -25.32
CA TYR C 270 32.11 2.04 -23.94
C TYR C 270 31.05 3.04 -23.44
N ARG C 271 30.22 2.56 -22.50
CA ARG C 271 29.22 3.38 -21.83
C ARG C 271 29.15 2.98 -20.39
N CYS C 272 28.85 3.92 -19.51
CA CYS C 272 28.71 3.57 -18.11
C CYS C 272 27.39 4.03 -17.47
N PHE C 273 26.98 3.32 -16.39
CA PHE C 273 25.71 3.51 -15.70
C PHE C 273 25.92 3.46 -14.21
N GLY C 274 25.20 4.32 -13.50
CA GLY C 274 25.16 4.27 -12.05
C GLY C 274 23.97 3.45 -11.60
N SER C 275 24.07 2.86 -10.41
CA SER C 275 23.01 2.10 -9.75
C SER C 275 23.15 2.22 -8.22
N PHE C 276 22.12 1.80 -7.49
CA PHE C 276 21.98 1.92 -6.05
C PHE C 276 21.95 0.61 -5.35
N ARG C 277 22.37 0.63 -4.06
CA ARG C 277 22.38 -0.55 -3.19
C ARG C 277 20.99 -1.19 -3.15
N HIS C 278 20.95 -2.53 -3.24
CA HIS C 278 19.73 -3.34 -3.19
C HIS C 278 18.78 -3.22 -4.40
N SER C 279 19.19 -2.55 -5.51
CA SER C 279 18.38 -2.44 -6.73
C SER C 279 19.27 -2.65 -7.99
N PRO C 280 19.64 -3.94 -8.30
CA PRO C 280 20.56 -4.19 -9.42
C PRO C 280 20.03 -4.10 -10.85
N TYR C 281 18.72 -4.00 -11.02
CA TYR C 281 18.12 -3.95 -12.36
C TYR C 281 17.61 -2.57 -12.73
N GLU C 282 17.97 -1.55 -11.92
CA GLU C 282 17.55 -0.19 -12.10
C GLU C 282 18.79 0.67 -12.26
N TRP C 283 19.04 1.13 -13.49
CA TRP C 283 20.25 1.90 -13.83
C TRP C 283 19.94 3.30 -14.30
N SER C 284 20.93 4.19 -14.18
CA SER C 284 20.86 5.58 -14.64
C SER C 284 20.71 5.59 -16.15
N ASP C 285 20.55 6.80 -16.72
CA ASP C 285 20.60 6.99 -18.17
C ASP C 285 22.05 6.63 -18.58
N PRO C 286 22.29 6.09 -19.79
CA PRO C 286 23.68 5.78 -20.16
C PRO C 286 24.51 7.06 -20.31
N SER C 287 25.81 7.01 -19.95
CA SER C 287 26.72 8.14 -20.15
C SER C 287 26.89 8.29 -21.66
N ASP C 288 27.50 9.38 -22.13
CA ASP C 288 27.84 9.53 -23.55
C ASP C 288 28.86 8.42 -23.90
N PRO C 289 28.85 7.88 -25.15
CA PRO C 289 29.82 6.83 -25.50
C PRO C 289 31.27 7.28 -25.55
N LEU C 290 32.22 6.36 -25.27
CA LEU C 290 33.65 6.61 -25.33
C LEU C 290 34.31 5.50 -26.17
N LEU C 291 34.96 5.91 -27.26
CA LEU C 291 35.68 4.99 -28.14
C LEU C 291 37.12 4.87 -27.64
N VAL C 292 37.54 3.63 -27.33
CA VAL C 292 38.91 3.33 -26.86
C VAL C 292 39.65 2.66 -28.02
N SER C 293 40.80 3.25 -28.44
CA SER C 293 41.64 2.84 -29.59
C SER C 293 42.93 2.13 -29.18
N VAL C 294 43.28 1.06 -29.93
CA VAL C 294 44.49 0.26 -29.73
C VAL C 294 45.28 0.13 -31.03
N THR D 1 -7.69 15.74 -7.29
CA THR D 1 -7.03 14.69 -8.07
C THR D 1 -5.67 14.30 -7.48
N SER D 2 -5.40 13.01 -7.51
CA SER D 2 -4.19 12.38 -6.98
C SER D 2 -3.00 12.75 -7.84
N ASN D 3 -1.79 12.71 -7.22
CA ASN D 3 -0.53 12.99 -7.89
C ASN D 3 -0.23 11.85 -8.88
N LEU D 4 0.08 12.19 -10.15
CA LEU D 4 0.43 11.19 -11.19
C LEU D 4 1.67 10.42 -10.70
N GLN D 5 1.52 9.09 -10.58
CA GLN D 5 2.55 8.21 -10.03
C GLN D 5 3.88 8.33 -10.76
N GLU D 6 4.95 8.47 -10.01
CA GLU D 6 6.29 8.53 -10.54
C GLU D 6 6.68 7.18 -11.06
N GLN D 7 7.44 7.17 -12.13
CA GLN D 7 7.89 5.90 -12.63
C GLN D 7 8.83 5.28 -11.58
N ILE D 8 9.22 6.09 -10.61
CA ILE D 8 10.21 5.70 -9.64
C ILE D 8 9.70 5.46 -8.22
N GLY D 9 10.21 4.41 -7.61
CA GLY D 9 9.79 3.99 -6.29
C GLY D 9 10.87 4.18 -5.23
N TRP D 10 10.85 3.34 -4.21
CA TRP D 10 11.76 3.43 -3.08
C TRP D 10 13.19 2.97 -3.41
#